data_8V1G
#
_entry.id   8V1G
#
_cell.length_a   1.00
_cell.length_b   1.00
_cell.length_c   1.00
_cell.angle_alpha   90.00
_cell.angle_beta   90.00
_cell.angle_gamma   90.00
#
_symmetry.space_group_name_H-M   'P 1'
#
loop_
_entity.id
_entity.type
_entity.pdbx_description
1 polymer 'Niemann-Pick type C1-related protein'
2 non-polymer 2-acetamido-2-deoxy-beta-D-glucopyranose
3 non-polymer CHOLESTEROL
4 non-polymer MMV009108
#
_entity_poly.entity_id   1
_entity_poly.type   'polypeptide(L)'
_entity_poly.pdbx_seq_one_letter_code
;MFVKNFIHKLKELKQKSLDKFANLLYDYGGYVYDRPCTFIICSLICCLLLTCGFYFKEHEKDIYKLYSISNSYAYETNET
INDFFYKSRRCFILVESNVNLLKPKILRELQKFEEGTKDIEVDLSEINECKTNSELPPEQSHVAKELYKTLIQRSEENLK
SGKINGSLFDYSDLDENGKSVLSLAGKENNDDTLIEGDNKNDEETSANNNNNEDDNNEDDNNEDDNNEDDNNENDNNNNN
EDDNNNDDDDDEDNEEEDEEKQKSLREKLYRKIYEMLKKKKENIVLDENNPNVNFTDYKDDVFYPYQYIPPMLIKADRCK
LQNVFGDKNLNIDLREASDGLKKQITYTLEDICEKKYGDCNFSSLFLYYEKGNGYIDYPIKVDNLDFYVNRRTYKEMMFK
GILGNMVYEKSGSKYIIKSANAIMTVIPLLNSHTYEPYALAYEKKLIDYVRFYNLDDIIQDEETNDDNDPFIRFHVFTDR
SLEDEVDRISKIDNLTRLLLLIGVLLIFMYALFNNVTSVLYRSKPLCAVMGIFCGFLGFLSGSGFLYFLGVKSVPPAETV
PFLVIGVGVDDVFVILNSYSLLFMVKDNKKRIQMCLKDSALAITVTTLTNIIAFLISAISPFYSICAFSLFTASSLFFGY
LMVLTFLLSFLCIEAKLEKKKRNIFTGTFHLFRSIFMKSSKKNKKENKENNIHDDGDNDNDEKKKDLSLEVKNNEDDYEN
ISIYEWIHNLYLFEESINKKKKNAALVYASNNGMSSNLNNVNEDGFPNPSKIVSMEDVKKRNIKKDDAYINKEDEEGGGY
YNKDDNKKKDILGKKQKKNNNNVTLVSKKGEDNELDVYYENLDEKTNDKYKMNNIKSSKLKYDNDKKDGAIINNRPSSDE
EYKEEKDKNKINILNDVFNDITIKPNENILLDRGDVIKSSGYDSSYNDLQSSSLPNPSSNEVLNKTTMVYNETDLKDNKK
EIKSSKKNVKDIKKSDMIHDDTYDIINSNNKNILLSSNEINNNSNNTNKFNNNSTELATKDTQQFINGHDKNIYLLSSHD
NALFYKYIYEEPKGNIGKYFRSLVKNYYVPFLSSRFGKTIVYIMFTIIIAMSIYGCTLMKKGIKYDKAFPVDSYVRRFTT
AKIKYFPDFGDFIEVYYFDKHFINKYRGLEKNTKEAASSFLYSDLTDRQIMNSPKINKNVHWENTNLQEELINMHNTLES
QEFVTSVANGFTFFLNKNKSSLRKENPQEFYEIFANWLKKDFVGNLFKNDFVFLNGKLVAWRFHYFQKNVDDSEISSKWL
KACKQITKLENHNVQMVCFHLSSIFNETDESIIEVTLINLGITILTILVVTAYIIKGFYSCVIIALIIFLIDLCIFGFMC
LCGITMNIISMVILVLSVGFSIDHTSHIVQAFSHSMGRTRDEKMKESLHLMIGPVLHSGLSTWFVISTLFFSNKDFTVIF
FQTLSLVLFFSITFSSMFLPVLLSSFGPLH
;
_entity_poly.pdbx_strand_id   A
#
# COMPACT_ATOMS: atom_id res chain seq x y z
N ASN A 5 -3.42 -47.37 21.71
CA ASN A 5 -4.69 -46.77 22.09
C ASN A 5 -4.97 -45.51 21.29
N PHE A 6 -4.11 -44.51 21.47
CA PHE A 6 -4.31 -43.23 20.78
C PHE A 6 -4.24 -43.40 19.27
N ILE A 7 -3.23 -44.14 18.79
CA ILE A 7 -3.04 -44.30 17.35
C ILE A 7 -4.24 -45.01 16.73
N HIS A 8 -4.71 -46.08 17.37
CA HIS A 8 -5.85 -46.83 16.82
C HIS A 8 -7.12 -45.99 16.86
N LYS A 9 -7.44 -45.40 18.01
CA LYS A 9 -8.72 -44.71 18.18
C LYS A 9 -8.80 -43.45 17.33
N LEU A 10 -7.74 -42.63 17.33
CA LEU A 10 -7.77 -41.40 16.55
C LEU A 10 -7.90 -41.69 15.07
N LYS A 11 -7.15 -42.68 14.57
CA LYS A 11 -7.23 -43.03 13.16
C LYS A 11 -8.59 -43.60 12.81
N GLU A 12 -9.17 -44.41 13.70
CA GLU A 12 -10.50 -44.95 13.44
C GLU A 12 -11.54 -43.84 13.36
N LEU A 13 -11.48 -42.89 14.29
CA LEU A 13 -12.41 -41.76 14.26
C LEU A 13 -12.22 -40.93 13.00
N LYS A 14 -10.96 -40.69 12.61
CA LYS A 14 -10.70 -39.91 11.41
C LYS A 14 -11.27 -40.60 10.17
N GLN A 15 -11.03 -41.91 10.05
CA GLN A 15 -11.55 -42.65 8.89
C GLN A 15 -13.06 -42.65 8.88
N LYS A 16 -13.69 -42.84 10.04
CA LYS A 16 -15.15 -42.84 10.10
C LYS A 16 -15.72 -41.48 9.70
N SER A 17 -15.09 -40.40 10.18
CA SER A 17 -15.57 -39.06 9.81
C SER A 17 -15.43 -38.82 8.31
N LEU A 18 -14.29 -39.19 7.73
CA LEU A 18 -14.09 -38.99 6.30
C LEU A 18 -15.08 -39.80 5.49
N ASP A 19 -15.32 -41.05 5.88
CA ASP A 19 -16.28 -41.89 5.16
C ASP A 19 -17.68 -41.33 5.27
N LYS A 20 -18.06 -40.84 6.46
CA LYS A 20 -19.38 -40.26 6.62
C LYS A 20 -19.54 -39.02 5.76
N PHE A 21 -18.51 -38.18 5.68
CA PHE A 21 -18.58 -37.00 4.83
C PHE A 21 -18.71 -37.38 3.37
N ALA A 22 -17.96 -38.40 2.93
CA ALA A 22 -18.06 -38.84 1.55
C ALA A 22 -19.45 -39.38 1.24
N ASN A 23 -20.03 -40.15 2.16
CA ASN A 23 -21.37 -40.68 1.94
C ASN A 23 -22.41 -39.57 1.94
N LEU A 24 -22.23 -38.56 2.79
CA LEU A 24 -23.14 -37.42 2.79
C LEU A 24 -23.11 -36.69 1.47
N LEU A 25 -21.90 -36.49 0.91
CA LEU A 25 -21.81 -35.82 -0.39
C LEU A 25 -22.37 -36.71 -1.49
N TYR A 26 -22.21 -38.02 -1.37
CA TYR A 26 -22.82 -38.96 -2.30
C TYR A 26 -24.34 -38.77 -2.33
N ASP A 27 -24.96 -38.79 -1.16
CA ASP A 27 -26.41 -38.61 -1.09
C ASP A 27 -26.82 -37.22 -1.55
N TYR A 28 -25.99 -36.21 -1.27
CA TYR A 28 -26.30 -34.86 -1.71
C TYR A 28 -26.31 -34.77 -3.23
N GLY A 29 -25.32 -35.39 -3.89
CA GLY A 29 -25.33 -35.45 -5.33
C GLY A 29 -26.54 -36.20 -5.87
N GLY A 30 -26.91 -37.28 -5.20
CA GLY A 30 -28.11 -38.00 -5.60
C GLY A 30 -29.36 -37.13 -5.52
N TYR A 31 -29.46 -36.31 -4.46
CA TYR A 31 -30.60 -35.42 -4.33
C TYR A 31 -30.57 -34.30 -5.36
N VAL A 32 -29.37 -33.77 -5.65
CA VAL A 32 -29.24 -32.69 -6.63
C VAL A 32 -29.61 -33.17 -8.02
N TYR A 33 -29.25 -34.42 -8.36
CA TYR A 33 -29.49 -34.90 -9.72
C TYR A 33 -30.96 -34.85 -10.10
N ASP A 34 -31.86 -34.96 -9.14
CA ASP A 34 -33.29 -34.94 -9.42
C ASP A 34 -33.85 -33.54 -9.61
N ARG A 35 -33.18 -32.51 -9.09
CA ARG A 35 -33.68 -31.13 -9.14
C ARG A 35 -32.58 -30.18 -9.57
N PRO A 36 -32.13 -30.26 -10.82
CA PRO A 36 -31.05 -29.37 -11.27
C PRO A 36 -31.51 -27.93 -11.45
N CYS A 37 -32.67 -27.74 -12.10
CA CYS A 37 -33.16 -26.40 -12.36
C CYS A 37 -33.49 -25.66 -11.07
N THR A 38 -34.06 -26.37 -10.10
CA THR A 38 -34.37 -25.75 -8.82
C THR A 38 -33.12 -25.23 -8.13
N PHE A 39 -32.07 -26.05 -8.12
CA PHE A 39 -30.81 -25.61 -7.52
C PHE A 39 -30.22 -24.44 -8.29
N ILE A 40 -30.28 -24.48 -9.62
CA ILE A 40 -29.75 -23.37 -10.42
C ILE A 40 -30.45 -22.07 -10.05
N ILE A 41 -31.79 -22.09 -10.05
CA ILE A 41 -32.52 -20.85 -9.84
C ILE A 41 -32.36 -20.36 -8.40
N CYS A 42 -32.37 -21.28 -7.43
CA CYS A 42 -32.21 -20.86 -6.04
C CYS A 42 -30.83 -20.27 -5.79
N SER A 43 -29.78 -20.93 -6.32
CA SER A 43 -28.43 -20.40 -6.15
C SER A 43 -28.29 -19.05 -6.83
N LEU A 44 -28.85 -18.90 -8.03
CA LEU A 44 -28.76 -17.62 -8.74
C LEU A 44 -29.49 -16.53 -7.98
N ILE A 45 -30.67 -16.83 -7.42
CA ILE A 45 -31.42 -15.83 -6.66
C ILE A 45 -30.65 -15.42 -5.42
N CYS A 46 -30.08 -16.40 -4.69
CA CYS A 46 -29.30 -16.06 -3.51
C CYS A 46 -28.08 -15.22 -3.87
N CYS A 47 -27.41 -15.57 -4.96
CA CYS A 47 -26.24 -14.81 -5.39
C CYS A 47 -26.62 -13.37 -5.75
N LEU A 48 -27.74 -13.19 -6.45
CA LEU A 48 -28.19 -11.84 -6.79
C LEU A 48 -28.56 -11.05 -5.55
N LEU A 49 -29.23 -11.69 -4.59
CA LEU A 49 -29.58 -11.00 -3.35
C LEU A 49 -28.33 -10.56 -2.60
N LEU A 50 -27.30 -11.41 -2.55
CA LEU A 50 -26.06 -11.00 -1.92
C LEU A 50 -25.36 -9.90 -2.72
N THR A 51 -25.41 -9.98 -4.05
CA THR A 51 -24.78 -8.97 -4.90
C THR A 51 -25.43 -7.61 -4.69
N CYS A 52 -26.72 -7.58 -4.36
CA CYS A 52 -27.39 -6.32 -4.09
C CYS A 52 -26.71 -5.52 -3.00
N GLY A 53 -25.81 -6.13 -2.23
CA GLY A 53 -25.04 -5.42 -1.23
C GLY A 53 -24.03 -4.45 -1.80
N PHE A 54 -23.79 -4.48 -3.11
CA PHE A 54 -22.87 -3.51 -3.72
C PHE A 54 -23.39 -2.09 -3.58
N TYR A 55 -24.69 -1.90 -3.34
CA TYR A 55 -25.23 -0.57 -3.15
C TYR A 55 -24.64 0.11 -1.93
N PHE A 56 -24.13 -0.66 -0.96
CA PHE A 56 -23.50 -0.12 0.24
C PHE A 56 -21.98 -0.13 0.16
N LYS A 57 -21.43 -0.09 -1.04
CA LYS A 57 -19.99 -0.16 -1.22
C LYS A 57 -19.32 1.09 -0.69
N GLU A 58 -18.22 0.93 0.04
CA GLU A 58 -17.44 2.03 0.57
C GLU A 58 -15.97 1.81 0.27
N HIS A 59 -15.23 2.91 0.15
CA HIS A 59 -13.80 2.88 -0.10
C HIS A 59 -13.05 3.48 1.07
N GLU A 60 -11.97 2.82 1.48
CA GLU A 60 -11.08 3.36 2.50
C GLU A 60 -9.97 4.13 1.82
N LYS A 61 -9.87 5.42 2.12
CA LYS A 61 -8.95 6.30 1.43
C LYS A 61 -7.85 6.86 2.31
N ASP A 62 -7.89 6.59 3.62
CA ASP A 62 -6.86 7.11 4.51
C ASP A 62 -5.57 6.32 4.31
N ILE A 63 -4.49 7.04 4.02
CA ILE A 63 -3.20 6.39 3.77
C ILE A 63 -2.69 5.72 5.05
N TYR A 64 -2.86 6.37 6.20
CA TYR A 64 -2.45 5.76 7.46
C TYR A 64 -3.24 4.48 7.70
N LYS A 65 -4.54 4.50 7.42
CA LYS A 65 -5.37 3.30 7.59
C LYS A 65 -4.91 2.19 6.66
N LEU A 66 -4.62 2.52 5.40
CA LEU A 66 -4.31 1.49 4.41
C LEU A 66 -2.94 0.88 4.64
N TYR A 67 -1.93 1.70 4.91
CA TYR A 67 -0.56 1.25 4.83
C TYR A 67 0.18 1.23 6.16
N SER A 68 -0.14 2.15 7.07
CA SER A 68 0.58 2.22 8.34
C SER A 68 0.10 1.14 9.29
N ILE A 69 0.93 0.86 10.31
CA ILE A 69 0.54 -0.06 11.35
C ILE A 69 -0.53 0.58 12.25
N SER A 70 -1.19 -0.24 13.04
CA SER A 70 -2.24 0.26 13.92
C SER A 70 -1.69 1.24 14.95
N ASN A 71 -0.55 0.92 15.54
CA ASN A 71 0.07 1.75 16.58
C ASN A 71 1.35 2.39 16.07
N SER A 72 1.33 2.88 14.83
CA SER A 72 2.52 3.47 14.23
C SER A 72 3.02 4.64 15.05
N TYR A 73 4.33 4.67 15.30
CA TYR A 73 4.92 5.79 16.03
C TYR A 73 5.04 7.03 15.14
N ALA A 74 5.13 6.84 13.82
CA ALA A 74 5.12 7.98 12.92
C ALA A 74 3.83 8.75 13.04
N TYR A 75 2.71 8.05 13.23
CA TYR A 75 1.43 8.71 13.44
C TYR A 75 1.47 9.55 14.71
N GLU A 76 2.03 9.01 15.79
CA GLU A 76 2.12 9.76 17.03
C GLU A 76 3.00 10.99 16.86
N THR A 77 4.12 10.84 16.16
CA THR A 77 5.00 11.98 15.92
C THR A 77 4.31 13.06 15.09
N ASN A 78 3.57 12.65 14.06
CA ASN A 78 2.83 13.61 13.26
C ASN A 78 1.78 14.34 14.10
N GLU A 79 1.10 13.59 14.97
CA GLU A 79 0.13 14.21 15.85
C GLU A 79 0.78 15.24 16.76
N THR A 80 1.94 14.91 17.33
CA THR A 80 2.63 15.85 18.20
C THR A 80 3.07 17.10 17.43
N ILE A 81 3.61 16.90 16.23
CA ILE A 81 4.07 18.03 15.42
C ILE A 81 2.90 18.96 15.10
N ASN A 82 1.78 18.38 14.69
CA ASN A 82 0.62 19.20 14.35
C ASN A 82 0.03 19.86 15.58
N ASP A 83 0.13 19.23 16.75
CA ASP A 83 -0.45 19.79 17.96
C ASP A 83 0.37 20.95 18.49
N PHE A 84 1.69 20.91 18.32
CA PHE A 84 2.54 21.89 18.98
C PHE A 84 3.40 22.74 18.06
N PHE A 85 3.30 22.58 16.74
CA PHE A 85 4.05 23.40 15.82
C PHE A 85 3.16 23.89 14.68
N TYR A 86 3.51 25.06 14.14
CA TYR A 86 2.76 25.68 13.06
C TYR A 86 3.43 25.33 11.74
N LYS A 87 3.02 24.20 11.17
CA LYS A 87 3.43 23.86 9.83
C LYS A 87 2.59 24.62 8.82
N SER A 88 3.09 24.73 7.60
CA SER A 88 2.38 25.40 6.53
C SER A 88 2.30 24.48 5.32
N ARG A 89 1.11 24.40 4.73
CA ARG A 89 0.94 23.64 3.49
C ARG A 89 1.81 24.27 2.40
N ARG A 90 2.45 23.42 1.61
CA ARG A 90 3.34 23.88 0.56
C ARG A 90 2.87 23.33 -0.78
N CYS A 91 2.51 24.23 -1.68
CA CYS A 91 2.12 23.87 -3.04
C CYS A 91 3.29 24.09 -3.97
N PHE A 92 3.76 23.03 -4.62
CA PHE A 92 4.89 23.10 -5.53
C PHE A 92 4.38 23.16 -6.96
N ILE A 93 4.87 24.12 -7.72
CA ILE A 93 4.50 24.23 -9.13
C ILE A 93 5.77 24.24 -9.96
N LEU A 94 6.04 23.15 -10.68
CA LEU A 94 7.27 23.05 -11.45
C LEU A 94 7.02 23.17 -12.94
N VAL A 95 7.94 23.82 -13.66
CA VAL A 95 7.80 23.95 -15.11
C VAL A 95 9.03 23.39 -15.81
N GLU A 96 8.84 22.40 -16.67
CA GLU A 96 9.96 21.78 -17.36
C GLU A 96 10.03 22.24 -18.80
N SER A 97 11.22 22.19 -19.40
CA SER A 97 11.35 22.55 -20.80
C SER A 97 12.69 22.19 -21.40
N ASN A 98 12.69 21.68 -22.63
CA ASN A 98 13.93 21.37 -23.32
C ASN A 98 14.51 22.68 -23.79
N VAL A 99 13.76 23.75 -23.59
CA VAL A 99 14.20 25.07 -23.98
C VAL A 99 14.49 25.87 -22.71
N ASN A 100 15.61 26.60 -22.71
CA ASN A 100 15.95 27.42 -21.56
C ASN A 100 14.85 28.43 -21.28
N LEU A 101 14.43 28.52 -20.03
CA LEU A 101 13.29 29.33 -19.63
C LEU A 101 13.67 30.75 -19.23
N LEU A 102 14.93 31.13 -19.35
CA LEU A 102 15.37 32.44 -18.89
C LEU A 102 15.28 33.52 -19.96
N LYS A 103 14.77 33.20 -21.14
CA LYS A 103 14.54 34.23 -22.15
C LYS A 103 13.46 35.19 -21.66
N PRO A 104 13.55 36.49 -21.97
CA PRO A 104 12.56 37.44 -21.44
C PRO A 104 11.13 37.11 -21.80
N LYS A 105 10.88 36.59 -23.00
CA LYS A 105 9.52 36.28 -23.42
C LYS A 105 8.88 35.22 -22.53
N ILE A 106 9.58 34.09 -22.37
CA ILE A 106 9.06 33.01 -21.55
C ILE A 106 8.97 33.45 -20.09
N LEU A 107 9.92 34.29 -19.65
CA LEU A 107 9.85 34.80 -18.28
C LEU A 107 8.62 35.66 -18.06
N ARG A 108 8.27 36.51 -19.04
CA ARG A 108 7.06 37.30 -18.93
C ARG A 108 5.83 36.41 -18.88
N GLU A 109 5.81 35.38 -19.73
CA GLU A 109 4.66 34.48 -19.73
C GLU A 109 4.52 33.75 -18.39
N LEU A 110 5.65 33.33 -17.81
CA LEU A 110 5.60 32.65 -16.51
C LEU A 110 5.21 33.61 -15.40
N GLN A 111 5.59 34.88 -15.52
CA GLN A 111 5.14 35.88 -14.56
C GLN A 111 3.63 36.05 -14.64
N LYS A 112 3.08 36.07 -15.85
CA LYS A 112 1.63 36.09 -16.00
C LYS A 112 1.01 34.84 -15.38
N PHE A 113 1.69 33.70 -15.52
CA PHE A 113 1.20 32.46 -14.91
C PHE A 113 1.14 32.57 -13.39
N GLU A 114 2.19 33.15 -12.77
CA GLU A 114 2.20 33.33 -11.32
C GLU A 114 1.11 34.29 -10.88
N GLU A 115 0.92 35.39 -11.62
CA GLU A 115 -0.15 36.31 -11.30
C GLU A 115 -1.51 35.62 -11.40
N GLY A 116 -1.68 34.77 -12.40
CA GLY A 116 -2.91 33.99 -12.50
C GLY A 116 -3.11 33.08 -11.30
N THR A 117 -2.03 32.47 -10.82
CA THR A 117 -2.13 31.68 -9.58
C THR A 117 -2.60 32.55 -8.43
N LYS A 118 -2.09 33.78 -8.35
CA LYS A 118 -2.54 34.69 -7.30
C LYS A 118 -4.00 35.10 -7.47
N ASP A 119 -4.50 35.11 -8.71
CA ASP A 119 -5.81 35.69 -9.00
C ASP A 119 -6.96 34.69 -8.85
N ILE A 120 -6.70 33.44 -8.46
CA ILE A 120 -7.77 32.46 -8.35
C ILE A 120 -8.74 32.87 -7.25
N GLU A 121 -10.03 32.79 -7.53
CA GLU A 121 -11.08 33.12 -6.58
C GLU A 121 -11.91 31.88 -6.30
N VAL A 122 -12.25 31.68 -5.02
CA VAL A 122 -13.06 30.55 -4.58
C VAL A 122 -14.25 31.09 -3.82
N ASP A 123 -15.45 30.67 -4.19
CA ASP A 123 -16.66 31.06 -3.48
C ASP A 123 -16.93 30.09 -2.33
N LEU A 124 -17.60 30.62 -1.30
CA LEU A 124 -17.82 29.85 -0.09
C LEU A 124 -18.73 28.63 -0.31
N SER A 125 -19.49 28.61 -1.40
CA SER A 125 -20.34 27.46 -1.68
C SER A 125 -19.54 26.20 -1.96
N GLU A 126 -18.27 26.33 -2.33
CA GLU A 126 -17.43 25.19 -2.62
C GLU A 126 -16.76 24.60 -1.38
N ILE A 127 -17.02 25.16 -0.20
CA ILE A 127 -16.46 24.64 1.03
C ILE A 127 -17.29 23.44 1.46
N ASN A 128 -16.87 22.24 1.05
CA ASN A 128 -17.66 21.04 1.31
C ASN A 128 -17.75 20.71 2.79
N GLU A 129 -16.90 21.30 3.62
CA GLU A 129 -16.91 21.02 5.05
C GLU A 129 -17.91 21.88 5.81
N CYS A 130 -18.66 22.74 5.13
CA CYS A 130 -19.73 23.54 5.73
C CYS A 130 -20.95 23.41 4.80
N LYS A 131 -21.77 22.38 5.04
CA LYS A 131 -22.89 22.08 4.17
C LYS A 131 -24.22 22.14 4.90
N THR A 132 -24.28 22.83 6.03
CA THR A 132 -25.51 23.01 6.81
C THR A 132 -26.13 21.69 7.25
N ASN A 133 -25.36 20.61 7.24
CA ASN A 133 -25.88 19.28 7.57
C ASN A 133 -24.90 18.46 8.40
N SER A 134 -23.98 19.08 9.12
CA SER A 134 -22.97 18.37 9.87
C SER A 134 -22.93 18.84 11.31
N GLU A 135 -22.30 18.04 12.16
CA GLU A 135 -22.02 18.38 13.56
C GLU A 135 -20.58 18.84 13.72
N LEU A 136 -20.12 19.62 12.74
CA LEU A 136 -18.74 20.09 12.60
C LEU A 136 -18.14 20.79 13.82
N PRO A 137 -18.92 21.45 14.68
CA PRO A 137 -18.35 21.99 15.94
C PRO A 137 -18.44 21.00 17.09
N PRO A 138 -17.49 20.06 17.24
CA PRO A 138 -17.51 19.21 18.44
C PRO A 138 -17.16 20.02 19.67
N GLU A 139 -17.48 19.52 20.85
CA GLU A 139 -17.31 20.28 22.09
C GLU A 139 -15.85 20.26 22.52
N GLN A 140 -15.28 21.45 22.70
CA GLN A 140 -13.96 21.60 23.29
C GLN A 140 -14.08 21.67 24.81
N SER A 141 -13.09 21.11 25.51
CA SER A 141 -13.13 21.09 26.96
C SER A 141 -13.12 22.51 27.52
N HIS A 142 -13.83 22.69 28.63
CA HIS A 142 -14.03 24.03 29.19
C HIS A 142 -12.72 24.67 29.61
N VAL A 143 -11.86 23.90 30.29
CA VAL A 143 -10.58 24.43 30.72
C VAL A 143 -9.75 24.85 29.52
N ALA A 144 -9.82 24.09 28.43
CA ALA A 144 -9.09 24.46 27.23
C ALA A 144 -9.57 25.79 26.67
N LYS A 145 -10.90 26.01 26.65
CA LYS A 145 -11.41 27.27 26.13
C LYS A 145 -11.00 28.45 27.02
N GLU A 146 -11.08 28.27 28.34
CA GLU A 146 -10.65 29.35 29.23
C GLU A 146 -9.17 29.65 29.06
N LEU A 147 -8.35 28.61 28.93
CA LEU A 147 -6.92 28.81 28.74
C LEU A 147 -6.64 29.48 27.41
N TYR A 148 -7.39 29.12 26.36
CA TYR A 148 -7.20 29.77 25.07
C TYR A 148 -7.52 31.25 25.15
N LYS A 149 -8.62 31.60 25.82
CA LYS A 149 -8.96 33.01 25.98
C LYS A 149 -7.88 33.75 26.75
N THR A 150 -7.43 33.17 27.87
CA THR A 150 -6.39 33.83 28.67
C THR A 150 -5.10 33.98 27.88
N LEU A 151 -4.73 32.95 27.11
CA LEU A 151 -3.48 32.99 26.37
C LEU A 151 -3.55 34.00 25.23
N ILE A 152 -4.70 34.12 24.56
CA ILE A 152 -4.80 35.10 23.49
C ILE A 152 -4.77 36.52 24.06
N GLN A 153 -5.39 36.72 25.23
CA GLN A 153 -5.30 38.03 25.87
C GLN A 153 -3.86 38.35 26.26
N ARG A 154 -3.16 37.37 26.84
CA ARG A 154 -1.77 37.59 27.24
C ARG A 154 -0.88 37.83 26.02
N SER A 155 -1.15 37.13 24.91
CA SER A 155 -0.39 37.35 23.70
C SER A 155 -0.59 38.76 23.18
N GLU A 156 -1.83 39.25 23.18
CA GLU A 156 -2.07 40.63 22.76
C GLU A 156 -1.31 41.61 23.66
N GLU A 157 -1.41 41.40 24.98
CA GLU A 157 -0.74 42.31 25.91
C GLU A 157 0.77 42.31 25.72
N ASN A 158 1.36 41.12 25.59
CA ASN A 158 2.81 41.03 25.43
C ASN A 158 3.27 41.62 24.11
N LEU A 159 2.53 41.37 23.03
CA LEU A 159 2.90 41.94 21.74
C LEU A 159 2.83 43.47 21.78
N LYS A 160 1.81 44.02 22.44
CA LYS A 160 1.73 45.46 22.58
C LYS A 160 2.89 45.99 23.42
N SER A 161 3.21 45.30 24.52
CA SER A 161 4.29 45.76 25.38
C SER A 161 5.65 45.58 24.70
N GLY A 162 5.88 44.41 24.12
CA GLY A 162 7.15 44.14 23.46
C GLY A 162 8.35 44.15 24.38
N LYS A 163 8.21 43.58 25.57
CA LYS A 163 9.28 43.50 26.56
C LYS A 163 9.57 42.05 26.89
N ILE A 164 10.85 41.71 27.00
CA ILE A 164 11.29 40.36 27.36
C ILE A 164 11.96 40.48 28.72
N ASN A 165 11.34 39.87 29.74
CA ASN A 165 11.87 39.90 31.10
C ASN A 165 11.63 38.52 31.73
N GLY A 166 12.68 37.73 31.85
CA GLY A 166 12.57 36.40 32.40
C GLY A 166 12.86 36.34 33.88
N SER A 167 12.79 37.50 34.54
CA SER A 167 13.12 37.56 35.97
C SER A 167 12.07 36.90 36.85
N LEU A 168 10.82 36.83 36.40
CA LEU A 168 9.74 36.29 37.22
C LEU A 168 9.54 34.79 37.04
N PHE A 169 10.14 34.19 36.02
CA PHE A 169 9.94 32.78 35.75
C PHE A 169 10.73 31.92 36.72
N ASP A 170 10.25 30.70 36.95
CA ASP A 170 10.93 29.74 37.81
C ASP A 170 11.77 28.82 36.94
N TYR A 171 13.09 28.83 37.15
CA TYR A 171 14.01 28.05 36.34
C TYR A 171 14.44 26.75 37.01
N SER A 172 13.81 26.39 38.12
CA SER A 172 14.15 25.14 38.79
C SER A 172 13.67 23.95 37.98
N ASP A 173 14.34 22.81 38.18
CA ASP A 173 13.95 21.60 37.48
C ASP A 173 12.57 21.14 37.92
N LEU A 174 11.78 20.66 36.96
CA LEU A 174 10.42 20.22 37.24
C LEU A 174 10.43 18.87 37.96
N ASP A 175 9.36 18.62 38.70
CA ASP A 175 9.17 17.33 39.34
C ASP A 175 8.80 16.27 38.30
N GLU A 176 8.82 15.01 38.74
CA GLU A 176 8.42 13.92 37.85
C GLU A 176 7.01 14.11 37.31
N ASN A 177 6.13 14.71 38.10
CA ASN A 177 4.77 15.02 37.65
C ASN A 177 4.69 16.35 36.91
N GLY A 178 5.80 17.04 36.72
CA GLY A 178 5.81 18.32 36.05
C GLY A 178 5.67 19.52 36.97
N LYS A 179 5.45 19.31 38.26
CA LYS A 179 5.33 20.42 39.19
C LYS A 179 6.68 21.07 39.42
N SER A 180 6.65 22.33 39.85
CA SER A 180 7.87 23.09 40.10
C SER A 180 8.68 22.48 41.23
N ASN A 292 -9.76 17.02 33.91
CA ASN A 292 -9.33 16.80 35.28
C ASN A 292 -8.29 17.85 35.68
N VAL A 293 -7.53 18.32 34.70
CA VAL A 293 -6.49 19.31 34.91
C VAL A 293 -7.09 20.62 35.39
N ASN A 294 -6.43 21.25 36.37
CA ASN A 294 -6.90 22.49 36.96
C ASN A 294 -6.41 23.66 36.11
N PHE A 295 -7.30 24.63 35.87
CA PHE A 295 -6.95 25.81 35.10
C PHE A 295 -5.91 26.67 35.83
N THR A 296 -5.80 26.51 37.14
CA THR A 296 -4.87 27.34 37.92
C THR A 296 -3.42 27.11 37.48
N ASP A 297 -3.06 25.85 37.23
CA ASP A 297 -1.70 25.55 36.80
C ASP A 297 -1.38 26.19 35.46
N TYR A 298 -2.33 26.17 34.53
CA TYR A 298 -2.11 26.70 33.19
C TYR A 298 -2.24 28.21 33.10
N LYS A 299 -2.93 28.85 34.03
CA LYS A 299 -3.30 30.25 33.84
C LYS A 299 -2.10 31.19 33.85
N ASP A 300 -0.95 30.74 34.33
CA ASP A 300 0.23 31.58 34.41
C ASP A 300 1.33 31.17 33.43
N ASP A 301 0.96 30.70 32.25
CA ASP A 301 1.94 30.32 31.24
C ASP A 301 2.26 31.51 30.35
N VAL A 302 3.55 31.73 30.10
CA VAL A 302 4.03 32.77 29.20
C VAL A 302 4.79 32.09 28.07
N PHE A 303 4.36 32.34 26.84
CA PHE A 303 4.96 31.72 25.66
C PHE A 303 5.81 32.74 24.91
N TYR A 304 6.94 32.28 24.40
CA TYR A 304 7.73 33.09 23.48
C TYR A 304 8.04 32.27 22.24
N PRO A 305 7.91 32.85 21.04
CA PRO A 305 7.52 34.24 20.73
C PRO A 305 6.10 34.55 21.16
N TYR A 306 5.82 35.82 21.46
CA TYR A 306 4.57 36.18 22.11
C TYR A 306 3.34 35.85 21.26
N GLN A 307 3.50 35.74 19.95
CA GLN A 307 2.37 35.40 19.09
C GLN A 307 2.12 33.90 19.01
N TYR A 308 2.93 33.08 19.69
CA TYR A 308 2.77 31.64 19.65
C TYR A 308 1.73 31.20 20.66
N ILE A 309 0.79 30.38 20.21
CA ILE A 309 -0.16 29.70 21.08
C ILE A 309 -0.32 28.30 20.52
N PRO A 310 -0.32 27.25 21.34
CA PRO A 310 -0.32 25.88 20.82
C PRO A 310 -1.47 25.66 19.86
N PRO A 311 -1.19 25.14 18.67
CA PRO A 311 -2.26 24.93 17.68
C PRO A 311 -3.34 23.98 18.16
N MET A 312 -3.03 23.07 19.08
CA MET A 312 -4.05 22.21 19.65
C MET A 312 -5.13 22.99 20.39
N LEU A 313 -4.80 24.15 20.94
CA LEU A 313 -5.77 24.96 21.66
C LEU A 313 -6.63 25.80 20.73
N ILE A 314 -6.24 25.97 19.46
CA ILE A 314 -6.99 26.80 18.52
C ILE A 314 -8.07 25.88 17.93
N LYS A 315 -9.22 25.84 18.61
CA LYS A 315 -10.40 25.12 18.13
C LYS A 315 -11.55 26.12 18.14
N ALA A 316 -11.66 26.89 17.06
CA ALA A 316 -12.71 27.88 16.91
C ALA A 316 -13.78 27.35 15.96
N ASP A 317 -14.91 28.05 15.92
CA ASP A 317 -16.00 27.67 15.03
C ASP A 317 -15.52 27.88 13.60
N ARG A 318 -15.20 26.78 12.93
CA ARG A 318 -14.63 26.83 11.59
C ARG A 318 -15.62 27.34 10.55
N CYS A 319 -16.93 27.26 10.84
CA CYS A 319 -17.94 27.63 9.88
C CYS A 319 -18.35 29.10 9.97
N LYS A 320 -17.80 29.85 10.91
CA LYS A 320 -18.09 31.27 11.04
C LYS A 320 -17.01 32.08 10.34
N LEU A 321 -17.42 33.00 9.48
CA LEU A 321 -16.46 33.74 8.67
C LEU A 321 -15.62 34.70 9.52
N GLN A 322 -16.17 35.15 10.65
CA GLN A 322 -15.41 36.06 11.52
C GLN A 322 -14.19 35.39 12.11
N ASN A 323 -14.27 34.07 12.33
CA ASN A 323 -13.14 33.35 12.92
C ASN A 323 -11.98 33.21 11.94
N VAL A 324 -12.26 33.23 10.64
CA VAL A 324 -11.25 33.00 9.62
C VAL A 324 -10.87 34.28 8.89
N PHE A 325 -11.86 35.07 8.47
CA PHE A 325 -11.62 36.28 7.70
C PHE A 325 -12.09 37.47 8.51
N GLY A 326 -11.23 37.97 9.39
CA GLY A 326 -11.56 39.16 10.15
C GLY A 326 -11.62 40.41 9.30
N ASP A 327 -10.70 40.52 8.34
CA ASP A 327 -10.61 41.73 7.53
C ASP A 327 -11.86 41.96 6.69
N LYS A 328 -12.43 40.88 6.15
CA LYS A 328 -13.59 41.01 5.28
C LYS A 328 -14.81 41.55 6.01
N ASN A 329 -14.82 41.51 7.34
CA ASN A 329 -15.84 42.11 8.19
C ASN A 329 -17.24 41.54 7.96
N LEU A 330 -17.35 40.33 7.43
CA LEU A 330 -18.66 39.71 7.23
C LEU A 330 -18.93 38.71 8.34
N ASN A 331 -20.12 38.79 8.93
CA ASN A 331 -20.53 37.91 10.02
C ASN A 331 -21.53 36.92 9.44
N ILE A 332 -21.02 35.79 8.95
CA ILE A 332 -21.82 34.79 8.26
C ILE A 332 -21.59 33.44 8.93
N ASP A 333 -22.67 32.73 9.21
CA ASP A 333 -22.61 31.35 9.70
C ASP A 333 -22.92 30.44 8.51
N LEU A 334 -21.88 29.79 7.99
CA LEU A 334 -22.04 28.97 6.80
C LEU A 334 -22.96 27.78 7.02
N ARG A 335 -23.08 27.30 8.26
CA ARG A 335 -24.03 26.21 8.53
C ARG A 335 -25.47 26.71 8.59
N GLU A 336 -25.68 28.01 8.66
CA GLU A 336 -27.01 28.60 8.70
C GLU A 336 -27.21 29.59 7.57
N ALA A 337 -26.51 29.39 6.45
CA ALA A 337 -26.57 30.27 5.30
C ALA A 337 -27.01 29.49 4.07
N SER A 338 -27.77 30.15 3.20
CA SER A 338 -28.24 29.51 1.99
C SER A 338 -27.09 29.34 0.99
N ASP A 339 -27.31 28.43 0.03
CA ASP A 339 -26.27 28.13 -0.95
C ASP A 339 -25.92 29.36 -1.79
N GLY A 340 -26.93 30.11 -2.23
CA GLY A 340 -26.67 31.30 -3.01
C GLY A 340 -25.96 32.38 -2.20
N LEU A 341 -26.35 32.54 -0.95
CA LEU A 341 -25.70 33.54 -0.09
C LEU A 341 -24.22 33.24 0.09
N LYS A 342 -23.89 31.96 0.29
CA LYS A 342 -22.48 31.58 0.38
C LYS A 342 -21.78 31.75 -0.96
N LYS A 343 -22.47 31.46 -2.06
CA LYS A 343 -21.85 31.57 -3.37
C LYS A 343 -21.56 33.02 -3.73
N GLN A 344 -22.32 33.96 -3.16
CA GLN A 344 -22.03 35.38 -3.41
C GLN A 344 -20.66 35.77 -2.88
N ILE A 345 -20.30 35.29 -1.69
CA ILE A 345 -19.04 35.68 -1.07
C ILE A 345 -17.90 34.83 -1.63
N THR A 346 -16.76 35.48 -1.88
CA THR A 346 -15.59 34.79 -2.41
C THR A 346 -14.36 35.24 -1.66
N TYR A 347 -13.30 34.44 -1.77
CA TYR A 347 -12.00 34.76 -1.22
C TYR A 347 -10.92 34.37 -2.21
N THR A 348 -9.75 34.99 -2.07
CA THR A 348 -8.64 34.77 -2.98
C THR A 348 -7.47 34.14 -2.24
N LEU A 349 -6.34 34.02 -2.93
CA LEU A 349 -5.15 33.42 -2.33
C LEU A 349 -4.64 34.25 -1.16
N GLU A 350 -4.70 35.58 -1.29
CA GLU A 350 -4.12 36.47 -0.29
C GLU A 350 -4.79 36.31 1.08
N ASP A 351 -5.99 35.74 1.14
CA ASP A 351 -6.71 35.62 2.39
C ASP A 351 -6.32 34.38 3.20
N ILE A 352 -5.67 33.40 2.57
CA ILE A 352 -5.31 32.18 3.28
C ILE A 352 -3.84 31.85 3.06
N CYS A 353 -3.04 32.84 2.67
CA CYS A 353 -1.64 32.64 2.35
C CYS A 353 -0.77 33.20 3.46
N GLU A 354 0.32 32.49 3.76
CA GLU A 354 1.28 32.97 4.74
C GLU A 354 1.88 34.29 4.29
N LYS A 355 2.04 35.21 5.24
CA LYS A 355 2.44 36.58 4.95
C LYS A 355 3.93 36.77 5.22
N LYS A 356 4.59 37.48 4.32
CA LYS A 356 5.98 37.90 4.50
C LYS A 356 6.05 39.39 4.25
N TYR A 357 6.26 40.15 5.33
CA TYR A 357 6.20 41.62 5.29
C TYR A 357 4.86 42.11 4.74
N GLY A 358 3.78 41.40 5.08
CA GLY A 358 2.47 41.75 4.57
C GLY A 358 2.11 41.02 3.30
N ASP A 359 3.05 40.97 2.36
CA ASP A 359 2.80 40.30 1.09
C ASP A 359 2.84 38.79 1.27
N CYS A 360 2.35 38.07 0.25
CA CYS A 360 2.39 36.62 0.26
C CYS A 360 3.83 36.14 0.25
N ASN A 361 4.11 35.10 1.04
CA ASN A 361 5.46 34.58 1.21
C ASN A 361 5.82 33.61 0.07
N PHE A 362 5.64 34.09 -1.16
CA PHE A 362 5.96 33.30 -2.33
C PHE A 362 7.45 32.97 -2.38
N SER A 363 7.76 31.78 -2.86
CA SER A 363 9.13 31.35 -3.12
C SER A 363 9.24 31.08 -4.61
N SER A 364 9.51 32.14 -5.38
CA SER A 364 9.54 32.06 -6.82
C SER A 364 10.70 32.88 -7.36
N LEU A 365 11.05 32.61 -8.62
CA LEU A 365 12.13 33.35 -9.26
C LEU A 365 11.83 34.84 -9.33
N PHE A 366 10.55 35.21 -9.47
CA PHE A 366 10.18 36.58 -9.72
C PHE A 366 10.34 37.49 -8.50
N LEU A 367 10.85 36.97 -7.38
CA LEU A 367 11.23 37.84 -6.28
C LEU A 367 12.44 38.69 -6.63
N TYR A 368 13.24 38.26 -7.62
CA TYR A 368 14.41 39.05 -8.03
C TYR A 368 13.97 40.35 -8.69
N TYR A 369 12.94 40.31 -9.52
CA TYR A 369 12.45 41.48 -10.21
C TYR A 369 11.49 42.31 -9.37
N GLU A 370 11.20 41.89 -8.14
CA GLU A 370 10.19 42.55 -7.33
C GLU A 370 10.64 43.96 -6.96
N LYS A 371 9.72 44.91 -7.09
CA LYS A 371 9.94 46.30 -6.69
C LYS A 371 11.17 46.90 -7.37
N GLY A 372 11.36 46.57 -8.64
CA GLY A 372 12.37 47.20 -9.44
C GLY A 372 13.81 46.82 -9.15
N ASN A 373 14.03 45.76 -8.37
CA ASN A 373 15.40 45.31 -8.12
C ASN A 373 16.06 44.86 -9.41
N GLY A 374 15.33 44.12 -10.25
CA GLY A 374 15.84 43.70 -11.54
C GLY A 374 14.79 43.90 -12.61
N TYR A 375 15.21 43.65 -13.85
CA TYR A 375 14.33 43.79 -15.01
C TYR A 375 14.32 42.48 -15.78
N ILE A 376 13.13 42.11 -16.28
CA ILE A 376 12.97 40.84 -16.96
C ILE A 376 13.77 40.81 -18.26
N ASP A 377 13.77 41.91 -19.01
CA ASP A 377 14.44 41.93 -20.31
C ASP A 377 15.94 41.71 -20.16
N TYR A 378 16.57 42.44 -19.24
CA TYR A 378 18.00 42.34 -19.03
C TYR A 378 18.36 41.04 -18.33
N PRO A 379 19.59 40.54 -18.55
CA PRO A 379 20.00 39.32 -17.86
C PRO A 379 20.12 39.54 -16.36
N ILE A 380 19.91 38.45 -15.61
CA ILE A 380 19.89 38.51 -14.17
C ILE A 380 21.29 38.29 -13.62
N LYS A 381 21.72 39.18 -12.72
CA LYS A 381 23.01 39.10 -12.05
C LYS A 381 22.76 39.03 -10.55
N VAL A 382 23.41 38.08 -9.88
CA VAL A 382 23.21 37.87 -8.46
C VAL A 382 24.57 37.65 -7.79
N ASP A 383 24.74 38.22 -6.61
CA ASP A 383 26.01 38.16 -5.89
C ASP A 383 26.21 36.86 -5.13
N ASN A 384 25.18 36.02 -5.02
CA ASN A 384 25.29 34.74 -4.33
C ASN A 384 24.21 33.80 -4.84
N LEU A 385 24.61 32.63 -5.31
CA LEU A 385 23.69 31.68 -5.90
C LEU A 385 23.03 30.76 -4.88
N ASP A 386 23.32 30.94 -3.59
CA ASP A 386 22.74 30.10 -2.54
C ASP A 386 21.68 30.84 -1.74
N PHE A 387 21.98 32.07 -1.29
CA PHE A 387 21.08 32.85 -0.45
C PHE A 387 21.19 34.32 -0.85
N TYR A 388 20.25 34.78 -1.67
CA TYR A 388 20.24 36.17 -2.11
C TYR A 388 19.09 36.91 -1.46
N VAL A 389 19.38 38.10 -0.95
CA VAL A 389 18.37 38.96 -0.35
C VAL A 389 18.12 40.12 -1.30
N ASN A 390 16.88 40.24 -1.77
CA ASN A 390 16.51 41.38 -2.60
C ASN A 390 16.67 42.67 -1.80
N ARG A 391 17.51 43.56 -2.30
CA ARG A 391 17.81 44.79 -1.56
C ARG A 391 16.56 45.64 -1.39
N ARG A 392 15.74 45.73 -2.44
CA ARG A 392 14.53 46.56 -2.37
C ARG A 392 13.54 46.01 -1.37
N THR A 393 13.22 44.71 -1.48
CA THR A 393 12.13 44.12 -0.71
C THR A 393 12.58 43.43 0.57
N TYR A 394 13.90 43.30 0.80
CA TYR A 394 14.44 42.61 1.96
C TYR A 394 13.93 41.17 2.06
N LYS A 395 13.69 40.54 0.92
CA LYS A 395 13.14 39.19 0.87
C LYS A 395 14.21 38.21 0.45
N GLU A 396 14.27 37.06 1.14
CA GLU A 396 15.26 36.04 0.83
C GLU A 396 14.80 35.19 -0.35
N MET A 397 15.78 34.58 -1.01
CA MET A 397 15.50 33.74 -2.17
C MET A 397 16.70 32.83 -2.40
N MET A 398 16.43 31.55 -2.64
CA MET A 398 17.48 30.54 -2.91
C MET A 398 17.36 30.11 -4.37
N PHE A 399 18.35 30.49 -5.18
CA PHE A 399 18.27 30.20 -6.61
C PHE A 399 18.46 28.72 -6.90
N LYS A 400 19.18 28.00 -6.04
CA LYS A 400 19.37 26.57 -6.24
C LYS A 400 18.04 25.84 -6.21
N GLY A 401 17.17 26.19 -5.27
CA GLY A 401 15.88 25.54 -5.18
C GLY A 401 14.91 25.98 -6.26
N ILE A 402 15.11 27.17 -6.82
CA ILE A 402 14.17 27.71 -7.79
C ILE A 402 14.49 27.23 -9.19
N LEU A 403 15.68 27.57 -9.69
CA LEU A 403 16.07 27.21 -11.04
C LEU A 403 16.56 25.77 -11.10
N GLY A 404 16.38 25.15 -12.26
CA GLY A 404 16.72 23.75 -12.42
C GLY A 404 18.10 23.53 -13.00
N ASN A 405 18.17 23.14 -14.27
CA ASN A 405 19.44 22.89 -14.95
C ASN A 405 20.13 24.23 -15.21
N MET A 406 20.52 24.88 -14.12
CA MET A 406 21.03 26.24 -14.19
C MET A 406 22.44 26.27 -14.75
N VAL A 407 22.68 27.17 -15.69
CA VAL A 407 23.99 27.42 -16.26
C VAL A 407 24.30 28.91 -16.11
N TYR A 408 25.44 29.22 -15.51
CA TYR A 408 25.81 30.61 -15.26
C TYR A 408 27.22 30.90 -15.75
N GLU A 409 27.73 32.09 -15.44
CA GLU A 409 29.05 32.51 -15.89
C GLU A 409 30.03 32.78 -14.77
N LYS A 410 29.57 33.35 -13.64
CA LYS A 410 30.44 33.71 -12.53
C LYS A 410 31.55 34.65 -12.97
N SER A 411 31.15 35.84 -13.45
CA SER A 411 32.08 36.84 -13.93
C SER A 411 31.80 38.18 -13.26
N GLY A 412 32.85 38.97 -13.10
CA GLY A 412 32.72 40.28 -12.49
C GLY A 412 32.32 40.26 -11.03
N SER A 413 32.91 39.37 -10.24
CA SER A 413 32.65 39.18 -8.81
C SER A 413 31.21 38.78 -8.52
N LYS A 414 30.41 38.48 -9.55
CA LYS A 414 29.03 38.05 -9.37
C LYS A 414 28.74 36.92 -10.34
N TYR A 415 27.55 36.34 -10.18
CA TYR A 415 27.10 35.25 -11.03
C TYR A 415 26.04 35.76 -11.99
N ILE A 416 26.24 35.51 -13.28
CA ILE A 416 25.29 35.88 -14.31
C ILE A 416 24.64 34.61 -14.83
N ILE A 417 23.34 34.46 -14.59
CA ILE A 417 22.63 33.24 -14.94
C ILE A 417 22.15 33.35 -16.37
N LYS A 418 22.58 32.43 -17.23
CA LYS A 418 22.23 32.50 -18.64
C LYS A 418 20.99 31.66 -18.94
N SER A 419 20.98 30.40 -18.54
CA SER A 419 19.95 29.47 -18.97
C SER A 419 19.50 28.61 -17.80
N ALA A 420 18.29 28.06 -17.91
CA ALA A 420 17.76 27.20 -16.87
C ALA A 420 16.59 26.44 -17.49
N ASN A 421 16.64 25.12 -17.47
CA ASN A 421 15.60 24.35 -18.13
C ASN A 421 14.53 23.88 -17.16
N ALA A 422 14.34 24.60 -16.07
CA ALA A 422 13.29 24.24 -15.11
C ALA A 422 13.10 25.34 -14.09
N ILE A 423 11.87 25.51 -13.62
CA ILE A 423 11.57 26.55 -12.65
C ILE A 423 10.57 26.02 -11.63
N MET A 424 10.88 26.21 -10.35
CA MET A 424 10.02 25.74 -9.28
C MET A 424 9.54 26.91 -8.44
N THR A 425 8.26 26.88 -8.07
CA THR A 425 7.65 27.88 -7.22
C THR A 425 6.95 27.20 -6.06
N VAL A 426 7.15 27.73 -4.86
CA VAL A 426 6.55 27.16 -3.65
C VAL A 426 5.60 28.20 -3.07
N ILE A 427 4.34 27.80 -2.92
CA ILE A 427 3.30 28.67 -2.37
C ILE A 427 2.96 28.16 -0.97
N PRO A 428 3.21 28.93 0.07
CA PRO A 428 2.82 28.49 1.42
C PRO A 428 1.42 28.95 1.77
N LEU A 429 0.59 28.00 2.22
CA LEU A 429 -0.76 28.26 2.68
C LEU A 429 -0.83 27.96 4.16
N LEU A 430 -1.57 28.79 4.90
CA LEU A 430 -1.73 28.58 6.33
C LEU A 430 -2.34 27.22 6.60
N ASN A 431 -1.71 26.47 7.51
CA ASN A 431 -2.14 25.11 7.85
C ASN A 431 -2.56 25.10 9.33
N SER A 432 -3.82 25.46 9.56
CA SER A 432 -4.41 25.39 10.89
C SER A 432 -5.77 24.69 10.76
N HIS A 433 -6.40 24.43 11.90
CA HIS A 433 -7.72 23.82 11.88
C HIS A 433 -8.71 24.72 11.15
N THR A 434 -8.79 25.99 11.57
CA THR A 434 -9.77 26.91 10.98
C THR A 434 -9.51 27.13 9.51
N TYR A 435 -8.26 27.06 9.07
CA TYR A 435 -7.91 27.23 7.67
C TYR A 435 -7.80 25.93 6.91
N GLU A 436 -8.13 24.80 7.55
CA GLU A 436 -8.04 23.52 6.87
C GLU A 436 -8.93 23.42 5.63
N PRO A 437 -10.23 23.74 5.68
CA PRO A 437 -11.08 23.52 4.49
C PRO A 437 -10.79 24.50 3.37
N TYR A 438 -10.64 25.78 3.72
CA TYR A 438 -10.48 26.81 2.70
C TYR A 438 -9.26 26.54 1.84
N ALA A 439 -8.13 26.26 2.46
CA ALA A 439 -6.95 25.85 1.71
C ALA A 439 -7.25 24.60 0.89
N LEU A 440 -7.88 23.61 1.51
CA LEU A 440 -8.27 22.40 0.77
C LEU A 440 -9.13 22.72 -0.43
N ALA A 441 -9.90 23.82 -0.37
CA ALA A 441 -10.61 24.26 -1.56
C ALA A 441 -9.64 24.87 -2.57
N TYR A 442 -8.88 25.87 -2.13
CA TYR A 442 -8.05 26.63 -3.07
C TYR A 442 -7.07 25.72 -3.79
N GLU A 443 -6.41 24.82 -3.04
CA GLU A 443 -5.47 23.89 -3.65
C GLU A 443 -6.11 23.17 -4.82
N LYS A 444 -7.34 22.68 -4.64
CA LYS A 444 -8.02 21.99 -5.74
C LYS A 444 -8.04 22.87 -6.98
N LYS A 445 -8.53 24.10 -6.84
CA LYS A 445 -8.57 25.00 -7.98
C LYS A 445 -7.18 25.23 -8.54
N LEU A 446 -6.20 25.39 -7.64
CA LEU A 446 -4.82 25.58 -8.09
C LEU A 446 -4.40 24.43 -9.00
N ILE A 447 -4.75 23.20 -8.64
CA ILE A 447 -4.40 22.06 -9.48
C ILE A 447 -5.03 22.21 -10.86
N ASP A 448 -6.32 22.57 -10.89
CA ASP A 448 -6.98 22.76 -12.17
C ASP A 448 -6.36 23.91 -12.95
N TYR A 449 -5.71 24.84 -12.26
CA TYR A 449 -5.05 25.93 -12.96
C TYR A 449 -3.74 25.48 -13.58
N VAL A 450 -3.10 24.46 -13.01
CA VAL A 450 -1.76 24.07 -13.45
C VAL A 450 -1.82 22.93 -14.48
N ARG A 451 -2.59 21.89 -14.17
CA ARG A 451 -2.62 20.71 -15.04
C ARG A 451 -3.23 21.02 -16.40
N PHE A 452 -3.96 22.13 -16.52
CA PHE A 452 -4.59 22.51 -17.77
C PHE A 452 -3.94 23.71 -18.44
N TYR A 453 -2.79 24.17 -17.95
CA TYR A 453 -2.14 25.34 -18.49
C TYR A 453 -1.24 24.95 -19.66
N ASN A 454 -1.31 25.73 -20.74
CA ASN A 454 -0.50 25.50 -21.93
C ASN A 454 0.13 26.80 -22.39
N LEU A 455 1.42 26.76 -22.70
CA LEU A 455 2.15 27.91 -23.22
C LEU A 455 3.06 27.51 -24.37
N ASP A 456 2.63 26.56 -25.20
CA ASP A 456 3.49 26.00 -26.24
C ASP A 456 3.76 26.97 -27.38
N ASP A 457 2.95 28.02 -27.53
CA ASP A 457 3.07 28.91 -28.68
C ASP A 457 4.45 29.55 -28.74
N ILE A 458 4.91 30.08 -27.62
CA ILE A 458 6.24 30.70 -27.57
C ILE A 458 7.32 29.62 -27.68
N ILE A 459 7.05 28.44 -27.13
CA ILE A 459 8.06 27.38 -27.10
C ILE A 459 8.36 26.86 -28.50
N GLN A 460 7.37 26.89 -29.39
CA GLN A 460 7.53 26.29 -30.71
C GLN A 460 8.74 26.84 -31.46
N ASP A 461 9.03 28.13 -31.27
CA ASP A 461 10.08 28.76 -32.06
C ASP A 461 11.48 28.50 -31.50
N GLU A 462 11.61 28.38 -30.18
CA GLU A 462 12.91 28.45 -29.55
C GLU A 462 13.70 27.15 -29.72
N GLU A 463 15.02 27.27 -29.58
CA GLU A 463 15.92 26.13 -29.71
C GLU A 463 15.87 25.26 -28.47
N THR A 464 15.99 23.94 -28.69
CA THR A 464 15.83 22.96 -27.64
C THR A 464 17.19 22.47 -27.15
N ASN A 465 17.16 21.48 -26.24
CA ASN A 465 18.35 20.84 -25.73
C ASN A 465 18.52 19.41 -26.24
N ASP A 466 17.44 18.62 -26.26
CA ASP A 466 17.50 17.23 -26.65
C ASP A 466 17.28 17.03 -28.14
N ASP A 467 17.18 18.12 -28.91
CA ASP A 467 16.95 18.13 -30.35
C ASP A 467 15.58 17.60 -30.73
N ASN A 468 14.70 17.34 -29.75
CA ASN A 468 13.34 16.92 -30.04
C ASN A 468 12.46 18.15 -30.31
N ASP A 469 11.17 17.89 -30.49
CA ASP A 469 10.22 18.98 -30.64
C ASP A 469 10.18 19.78 -29.34
N PRO A 470 10.25 21.13 -29.44
CA PRO A 470 10.29 21.91 -28.19
C PRO A 470 9.07 21.66 -27.32
N PHE A 471 9.23 21.77 -26.01
CA PHE A 471 8.13 21.50 -25.09
C PHE A 471 8.20 22.28 -23.78
N ILE A 472 7.07 22.42 -23.11
CA ILE A 472 7.05 23.07 -21.81
C ILE A 472 5.92 22.45 -21.01
N ARG A 473 6.25 21.83 -19.89
CA ARG A 473 5.22 21.14 -19.13
C ARG A 473 5.11 21.67 -17.72
N PHE A 474 3.89 21.85 -17.24
CA PHE A 474 3.67 22.36 -15.90
C PHE A 474 3.27 21.23 -14.98
N HIS A 475 3.85 21.17 -13.79
CA HIS A 475 3.53 20.11 -12.84
C HIS A 475 3.16 20.71 -11.50
N VAL A 476 2.31 20.02 -10.74
CA VAL A 476 1.87 20.54 -9.45
C VAL A 476 1.78 19.47 -8.38
N PHE A 477 2.09 19.82 -7.15
CA PHE A 477 2.01 18.88 -6.04
C PHE A 477 1.58 19.61 -4.78
N THR A 478 0.57 19.07 -4.11
CA THR A 478 0.06 19.65 -2.88
C THR A 478 -0.15 18.54 -1.86
N ASP A 479 -0.43 18.95 -0.62
CA ASP A 479 -0.79 17.97 0.40
C ASP A 479 -2.08 17.25 0.04
N ARG A 480 -2.93 17.90 -0.77
CA ARG A 480 -4.15 17.27 -1.24
C ARG A 480 -3.90 16.24 -2.32
N SER A 481 -2.74 16.30 -2.98
CA SER A 481 -2.50 15.50 -4.19
C SER A 481 -2.47 14.02 -3.88
N LEU A 482 -1.80 13.62 -2.79
CA LEU A 482 -1.71 12.20 -2.48
C LEU A 482 -3.07 11.61 -2.16
N GLU A 483 -3.87 12.32 -1.37
CA GLU A 483 -5.22 11.87 -1.06
C GLU A 483 -6.08 11.80 -2.33
N ASP A 484 -5.95 12.79 -3.21
CA ASP A 484 -6.73 12.79 -4.44
C ASP A 484 -6.35 11.61 -5.31
N GLU A 485 -5.05 11.30 -5.42
CA GLU A 485 -4.62 10.18 -6.22
C GLU A 485 -5.07 8.86 -5.63
N VAL A 486 -5.04 8.74 -4.30
CA VAL A 486 -5.55 7.52 -3.67
C VAL A 486 -7.04 7.36 -3.95
N ASP A 487 -7.80 8.46 -3.87
CA ASP A 487 -9.22 8.40 -4.16
C ASP A 487 -9.47 7.99 -5.60
N ARG A 488 -8.71 8.55 -6.53
CA ARG A 488 -8.89 8.19 -7.94
C ARG A 488 -8.53 6.73 -8.18
N ILE A 489 -7.48 6.24 -7.53
CA ILE A 489 -7.06 4.85 -7.69
C ILE A 489 -8.07 3.90 -7.06
N SER A 490 -8.78 4.31 -6.02
CA SER A 490 -9.70 3.41 -5.32
C SER A 490 -10.76 2.88 -6.27
N LYS A 491 -11.36 3.74 -7.08
CA LYS A 491 -12.27 3.27 -8.11
C LYS A 491 -11.50 2.45 -9.15
N ILE A 492 -12.13 1.38 -9.63
CA ILE A 492 -11.48 0.47 -10.56
C ILE A 492 -11.52 1.10 -11.94
N ASP A 493 -10.35 1.23 -12.56
CA ASP A 493 -10.21 1.93 -13.82
C ASP A 493 -10.56 1.03 -15.00
N ASN A 494 -10.68 1.64 -16.18
CA ASN A 494 -11.04 0.90 -17.37
C ASN A 494 -9.96 -0.09 -17.77
N LEU A 495 -8.69 0.23 -17.51
CA LEU A 495 -7.62 -0.69 -17.86
C LEU A 495 -7.75 -2.00 -17.09
N THR A 496 -8.05 -1.92 -15.79
CA THR A 496 -8.22 -3.14 -15.01
C THR A 496 -9.41 -3.95 -15.50
N ARG A 497 -10.51 -3.29 -15.86
CA ARG A 497 -11.66 -4.00 -16.39
C ARG A 497 -11.32 -4.69 -17.70
N LEU A 498 -10.57 -4.02 -18.57
CA LEU A 498 -10.16 -4.64 -19.83
C LEU A 498 -9.25 -5.84 -19.58
N LEU A 499 -8.31 -5.71 -18.63
CA LEU A 499 -7.44 -6.84 -18.31
C LEU A 499 -8.25 -8.01 -17.75
N LEU A 500 -9.25 -7.72 -16.92
CA LEU A 500 -10.10 -8.77 -16.39
C LEU A 500 -10.88 -9.45 -17.51
N LEU A 501 -11.38 -8.67 -18.46
CA LEU A 501 -12.09 -9.26 -19.60
C LEU A 501 -11.17 -10.16 -20.41
N ILE A 502 -9.94 -9.71 -20.66
CA ILE A 502 -8.99 -10.53 -21.42
C ILE A 502 -8.66 -11.81 -20.66
N GLY A 503 -8.48 -11.71 -19.35
CA GLY A 503 -8.21 -12.90 -18.56
C GLY A 503 -9.37 -13.88 -18.55
N VAL A 504 -10.58 -13.36 -18.46
CA VAL A 504 -11.77 -14.23 -18.52
C VAL A 504 -11.85 -14.90 -19.89
N LEU A 505 -11.57 -14.16 -20.95
CA LEU A 505 -11.55 -14.77 -22.28
C LEU A 505 -10.50 -15.87 -22.38
N LEU A 506 -9.32 -15.62 -21.83
CA LEU A 506 -8.26 -16.62 -21.89
C LEU A 506 -8.65 -17.88 -21.12
N ILE A 507 -9.19 -17.72 -19.92
CA ILE A 507 -9.53 -18.90 -19.13
C ILE A 507 -10.71 -19.64 -19.76
N PHE A 508 -11.66 -18.91 -20.33
CA PHE A 508 -12.77 -19.55 -21.03
C PHE A 508 -12.27 -20.34 -22.23
N MET A 509 -11.35 -19.77 -23.01
CA MET A 509 -10.78 -20.50 -24.13
C MET A 509 -10.03 -21.74 -23.68
N TYR A 510 -9.24 -21.62 -22.62
CA TYR A 510 -8.48 -22.78 -22.13
C TYR A 510 -9.41 -23.88 -21.64
N ALA A 511 -10.43 -23.52 -20.87
CA ALA A 511 -11.36 -24.52 -20.36
C ALA A 511 -12.13 -25.17 -21.49
N LEU A 512 -12.59 -24.39 -22.47
CA LEU A 512 -13.30 -24.97 -23.60
C LEU A 512 -12.39 -25.90 -24.38
N PHE A 513 -11.14 -25.49 -24.61
CA PHE A 513 -10.20 -26.32 -25.35
C PHE A 513 -9.94 -27.64 -24.65
N ASN A 514 -9.84 -27.61 -23.32
CA ASN A 514 -9.60 -28.86 -22.59
C ASN A 514 -10.86 -29.73 -22.55
N ASN A 515 -12.03 -29.11 -22.47
CA ASN A 515 -13.27 -29.85 -22.25
C ASN A 515 -14.09 -30.10 -23.51
N VAL A 516 -13.56 -29.78 -24.69
CA VAL A 516 -14.22 -30.07 -25.95
C VAL A 516 -13.36 -31.07 -26.72
N THR A 517 -13.98 -32.18 -27.13
CA THR A 517 -13.26 -33.25 -27.79
C THR A 517 -13.90 -33.61 -29.13
N SER A 518 -13.47 -34.71 -29.73
CA SER A 518 -13.99 -35.11 -31.03
C SER A 518 -15.48 -35.41 -30.97
N VAL A 519 -15.91 -36.12 -29.92
CA VAL A 519 -17.31 -36.47 -29.76
C VAL A 519 -18.01 -35.34 -29.01
N LEU A 520 -19.07 -34.81 -29.59
CA LEU A 520 -19.72 -33.63 -29.02
C LEU A 520 -20.57 -33.96 -27.80
N TYR A 521 -21.27 -35.09 -27.79
CA TYR A 521 -22.17 -35.36 -26.68
C TYR A 521 -21.44 -35.84 -25.43
N ARG A 522 -20.17 -36.24 -25.55
CA ARG A 522 -19.37 -36.55 -24.39
C ARG A 522 -18.58 -35.35 -23.87
N SER A 523 -18.59 -34.24 -24.60
CA SER A 523 -17.89 -33.05 -24.17
C SER A 523 -18.70 -32.30 -23.11
N LYS A 524 -18.02 -31.41 -22.39
CA LYS A 524 -18.64 -30.59 -21.35
C LYS A 524 -18.23 -29.14 -21.53
N PRO A 525 -18.70 -28.49 -22.59
CA PRO A 525 -18.43 -27.04 -22.71
C PRO A 525 -19.27 -26.21 -21.76
N LEU A 526 -20.55 -26.59 -21.61
CA LEU A 526 -21.42 -25.86 -20.70
C LEU A 526 -20.90 -25.91 -19.28
N CYS A 527 -20.31 -27.04 -18.88
CA CYS A 527 -19.74 -27.14 -17.54
C CYS A 527 -18.59 -26.15 -17.36
N ALA A 528 -17.73 -26.00 -18.36
CA ALA A 528 -16.63 -25.05 -18.25
C ALA A 528 -17.13 -23.62 -18.19
N VAL A 529 -18.08 -23.27 -19.07
CA VAL A 529 -18.62 -21.91 -19.07
C VAL A 529 -19.28 -21.60 -17.72
N MET A 530 -20.07 -22.54 -17.21
CA MET A 530 -20.72 -22.31 -15.93
C MET A 530 -19.75 -22.38 -14.76
N GLY A 531 -18.60 -23.03 -14.92
CA GLY A 531 -17.57 -22.93 -13.90
C GLY A 531 -16.97 -21.55 -13.83
N ILE A 532 -16.67 -20.95 -14.99
CA ILE A 532 -16.23 -19.56 -15.00
C ILE A 532 -17.29 -18.66 -14.38
N PHE A 533 -18.55 -18.89 -14.76
CA PHE A 533 -19.64 -18.11 -14.20
C PHE A 533 -19.76 -18.32 -12.69
N CYS A 534 -19.50 -19.53 -12.21
CA CYS A 534 -19.52 -19.80 -10.78
C CYS A 534 -18.45 -19.01 -10.06
N GLY A 535 -17.24 -18.95 -10.64
CA GLY A 535 -16.19 -18.14 -10.04
C GLY A 535 -16.59 -16.68 -9.95
N PHE A 536 -17.13 -16.14 -11.06
CA PHE A 536 -17.52 -14.73 -11.05
C PHE A 536 -18.64 -14.47 -10.06
N LEU A 537 -19.64 -15.36 -10.02
CA LEU A 537 -20.76 -15.18 -9.11
C LEU A 537 -20.33 -15.31 -7.66
N GLY A 538 -19.40 -16.21 -7.37
CA GLY A 538 -18.86 -16.30 -6.03
C GLY A 538 -18.15 -15.02 -5.63
N PHE A 539 -17.36 -14.45 -6.53
CA PHE A 539 -16.73 -13.17 -6.24
C PHE A 539 -17.77 -12.11 -5.93
N LEU A 540 -18.80 -12.01 -6.77
CA LEU A 540 -19.82 -10.99 -6.57
C LEU A 540 -20.55 -11.18 -5.24
N SER A 541 -20.92 -12.42 -4.93
CA SER A 541 -21.66 -12.69 -3.70
C SER A 541 -20.81 -12.40 -2.47
N GLY A 542 -19.54 -12.80 -2.49
CA GLY A 542 -18.68 -12.52 -1.35
C GLY A 542 -18.47 -11.04 -1.15
N SER A 543 -18.21 -10.30 -2.24
CA SER A 543 -18.04 -8.86 -2.11
C SER A 543 -19.31 -8.21 -1.58
N GLY A 544 -20.47 -8.62 -2.09
CA GLY A 544 -21.72 -8.06 -1.60
C GLY A 544 -21.97 -8.36 -0.13
N PHE A 545 -21.65 -9.58 0.30
CA PHE A 545 -21.83 -9.92 1.70
C PHE A 545 -20.93 -9.07 2.59
N LEU A 546 -19.68 -8.91 2.19
CA LEU A 546 -18.77 -8.11 3.03
C LEU A 546 -19.16 -6.63 3.02
N TYR A 547 -19.68 -6.13 1.89
CA TYR A 547 -20.19 -4.76 1.87
C TYR A 547 -21.39 -4.62 2.81
N PHE A 548 -22.26 -5.63 2.83
CA PHE A 548 -23.32 -5.66 3.83
C PHE A 548 -22.76 -5.61 5.24
N LEU A 549 -21.64 -6.29 5.47
CA LEU A 549 -21.00 -6.25 6.79
C LEU A 549 -20.27 -4.95 7.05
N GLY A 550 -20.05 -4.12 6.04
CA GLY A 550 -19.47 -2.81 6.23
C GLY A 550 -17.99 -2.68 5.93
N VAL A 551 -17.34 -3.74 5.45
CA VAL A 551 -15.92 -3.65 5.13
C VAL A 551 -15.73 -2.78 3.91
N LYS A 552 -14.79 -1.84 4.00
CA LYS A 552 -14.53 -0.91 2.91
C LYS A 552 -13.52 -1.50 1.94
N SER A 553 -13.66 -1.13 0.67
CA SER A 553 -12.85 -1.70 -0.40
C SER A 553 -11.55 -0.95 -0.53
N VAL A 554 -10.44 -1.64 -0.31
CA VAL A 554 -9.10 -1.07 -0.47
C VAL A 554 -8.68 -1.19 -1.92
N PRO A 555 -7.75 -0.38 -2.41
CA PRO A 555 -7.33 -0.47 -3.82
C PRO A 555 -6.79 -1.85 -4.19
N PRO A 556 -6.06 -2.54 -3.30
CA PRO A 556 -5.66 -3.92 -3.63
C PRO A 556 -6.81 -4.83 -4.04
N ALA A 557 -8.03 -4.54 -3.61
CA ALA A 557 -9.17 -5.37 -3.97
C ALA A 557 -9.42 -5.39 -5.47
N GLU A 558 -8.81 -4.48 -6.23
CA GLU A 558 -8.93 -4.55 -7.69
C GLU A 558 -8.40 -5.88 -8.22
N THR A 559 -7.45 -6.49 -7.50
CA THR A 559 -6.92 -7.78 -7.92
C THR A 559 -7.72 -8.95 -7.36
N VAL A 560 -8.72 -8.70 -6.54
CA VAL A 560 -9.54 -9.78 -6.00
C VAL A 560 -10.22 -10.60 -7.10
N PRO A 561 -10.85 -9.99 -8.12
CA PRO A 561 -11.54 -10.83 -9.11
C PRO A 561 -10.64 -11.86 -9.78
N PHE A 562 -9.56 -11.41 -10.42
CA PHE A 562 -8.66 -12.31 -11.13
C PHE A 562 -8.36 -13.54 -10.29
N LEU A 563 -7.71 -13.34 -9.15
CA LEU A 563 -7.31 -14.45 -8.30
C LEU A 563 -8.49 -15.37 -8.01
N VAL A 564 -9.63 -14.80 -7.63
CA VAL A 564 -10.78 -15.63 -7.28
C VAL A 564 -11.16 -16.52 -8.45
N ILE A 565 -11.27 -15.92 -9.65
CA ILE A 565 -11.58 -16.73 -10.82
C ILE A 565 -10.51 -17.78 -11.03
N GLY A 566 -9.25 -17.39 -10.89
CA GLY A 566 -8.16 -18.33 -11.07
C GLY A 566 -8.27 -19.53 -10.14
N VAL A 567 -8.92 -19.33 -8.99
CA VAL A 567 -9.14 -20.46 -8.09
C VAL A 567 -10.52 -21.08 -8.32
N GLY A 568 -11.51 -20.28 -8.70
CA GLY A 568 -12.87 -20.76 -8.79
C GLY A 568 -13.07 -21.85 -9.83
N VAL A 569 -12.14 -21.97 -10.79
CA VAL A 569 -12.23 -23.01 -11.80
C VAL A 569 -11.58 -24.30 -11.35
N ASP A 570 -10.63 -24.25 -10.41
CA ASP A 570 -9.85 -25.43 -10.07
C ASP A 570 -10.75 -26.58 -9.67
N ASP A 571 -11.64 -26.36 -8.70
CA ASP A 571 -12.55 -27.41 -8.26
C ASP A 571 -13.31 -27.98 -9.43
N VAL A 572 -13.77 -27.12 -10.35
CA VAL A 572 -14.46 -27.58 -11.55
C VAL A 572 -13.69 -28.71 -12.20
N PHE A 573 -12.43 -28.46 -12.54
CA PHE A 573 -11.63 -29.48 -13.22
C PHE A 573 -11.64 -30.78 -12.44
N VAL A 574 -11.44 -30.70 -11.13
CA VAL A 574 -11.37 -31.91 -10.32
C VAL A 574 -12.64 -32.73 -10.52
N ILE A 575 -13.80 -32.07 -10.41
CA ILE A 575 -15.06 -32.80 -10.60
C ILE A 575 -15.07 -33.45 -11.97
N LEU A 576 -14.74 -32.68 -13.01
CA LEU A 576 -14.75 -33.24 -14.35
C LEU A 576 -13.83 -34.44 -14.43
N ASN A 577 -12.66 -34.34 -13.80
CA ASN A 577 -11.73 -35.47 -13.80
C ASN A 577 -12.42 -36.73 -13.31
N SER A 578 -13.07 -36.65 -12.15
CA SER A 578 -13.77 -37.82 -11.63
C SER A 578 -14.84 -38.27 -12.60
N TYR A 579 -15.62 -37.33 -13.13
CA TYR A 579 -16.68 -37.71 -14.06
C TYR A 579 -16.10 -38.29 -15.34
N SER A 580 -14.87 -37.89 -15.68
CA SER A 580 -14.25 -38.46 -16.87
C SER A 580 -13.76 -39.87 -16.60
N LEU A 581 -13.42 -40.17 -15.34
CA LEU A 581 -12.86 -41.48 -15.02
C LEU A 581 -13.94 -42.52 -14.76
N LEU A 582 -15.20 -42.12 -14.63
CA LEU A 582 -16.28 -43.04 -14.33
C LEU A 582 -17.17 -43.31 -15.54
N PHE A 583 -16.57 -43.40 -16.73
CA PHE A 583 -17.34 -43.73 -17.93
C PHE A 583 -17.98 -45.10 -17.84
N MET A 584 -17.38 -46.00 -17.05
CA MET A 584 -17.87 -47.38 -16.99
C MET A 584 -19.25 -47.46 -16.35
N VAL A 585 -19.60 -46.50 -15.49
CA VAL A 585 -20.87 -46.54 -14.78
C VAL A 585 -21.98 -46.17 -15.76
N LYS A 586 -22.86 -47.11 -16.04
CA LYS A 586 -23.95 -46.86 -16.98
C LYS A 586 -25.05 -45.99 -16.37
N ASP A 587 -25.33 -46.15 -15.07
CA ASP A 587 -26.34 -45.35 -14.41
C ASP A 587 -25.80 -43.95 -14.17
N ASN A 588 -26.33 -42.97 -14.90
CA ASN A 588 -25.78 -41.62 -14.84
C ASN A 588 -25.95 -41.00 -13.45
N LYS A 589 -27.09 -41.24 -12.80
CA LYS A 589 -27.27 -40.70 -11.45
C LYS A 589 -26.24 -41.27 -10.49
N LYS A 590 -26.05 -42.59 -10.51
CA LYS A 590 -25.03 -43.18 -9.65
C LYS A 590 -23.64 -42.77 -10.09
N ARG A 591 -23.43 -42.54 -11.38
CA ARG A 591 -22.13 -42.06 -11.85
C ARG A 591 -21.82 -40.70 -11.25
N ILE A 592 -22.79 -39.79 -11.27
CA ILE A 592 -22.58 -38.47 -10.68
C ILE A 592 -22.38 -38.58 -9.18
N GLN A 593 -23.15 -39.45 -8.53
CA GLN A 593 -22.98 -39.63 -7.09
C GLN A 593 -21.57 -40.09 -6.75
N MET A 594 -21.06 -41.07 -7.50
CA MET A 594 -19.71 -41.56 -7.24
C MET A 594 -18.65 -40.52 -7.59
N CYS A 595 -18.87 -39.76 -8.65
CA CYS A 595 -17.93 -38.69 -9.00
C CYS A 595 -17.85 -37.66 -7.89
N LEU A 596 -19.00 -37.23 -7.38
CA LEU A 596 -19.02 -36.26 -6.29
C LEU A 596 -18.40 -36.86 -5.02
N LYS A 597 -18.67 -38.13 -4.76
CA LYS A 597 -18.08 -38.80 -3.61
C LYS A 597 -16.55 -38.79 -3.70
N ASP A 598 -16.02 -39.05 -4.89
CA ASP A 598 -14.57 -39.06 -5.04
C ASP A 598 -13.97 -37.67 -4.93
N SER A 599 -14.62 -36.66 -5.51
CA SER A 599 -14.04 -35.33 -5.57
C SER A 599 -14.36 -34.45 -4.37
N ALA A 600 -15.26 -34.89 -3.49
CA ALA A 600 -15.73 -34.02 -2.41
C ALA A 600 -14.61 -33.69 -1.44
N LEU A 601 -13.87 -34.70 -0.99
CA LEU A 601 -12.82 -34.44 -0.02
C LEU A 601 -11.75 -33.52 -0.59
N ALA A 602 -11.34 -33.76 -1.84
CA ALA A 602 -10.33 -32.93 -2.46
C ALA A 602 -10.80 -31.48 -2.58
N ILE A 603 -12.01 -31.27 -3.09
CA ILE A 603 -12.50 -29.92 -3.29
C ILE A 603 -12.65 -29.19 -1.96
N THR A 604 -13.24 -29.87 -0.97
CA THR A 604 -13.47 -29.25 0.33
C THR A 604 -12.15 -28.89 0.99
N VAL A 605 -11.17 -29.79 0.94
CA VAL A 605 -9.88 -29.50 1.55
C VAL A 605 -9.20 -28.34 0.85
N THR A 606 -9.26 -28.30 -0.49
CA THR A 606 -8.63 -27.21 -1.22
C THR A 606 -9.23 -25.87 -0.84
N THR A 607 -10.56 -25.77 -0.89
CA THR A 607 -11.20 -24.49 -0.57
C THR A 607 -10.99 -24.12 0.90
N LEU A 608 -11.05 -25.10 1.79
CA LEU A 608 -10.85 -24.82 3.20
C LEU A 608 -9.44 -24.32 3.47
N THR A 609 -8.45 -24.91 2.81
CA THR A 609 -7.07 -24.46 2.99
C THR A 609 -6.87 -23.06 2.45
N ASN A 610 -7.46 -22.76 1.29
CA ASN A 610 -7.37 -21.40 0.76
C ASN A 610 -8.01 -20.40 1.71
N ILE A 611 -9.19 -20.74 2.24
CA ILE A 611 -9.88 -19.85 3.17
C ILE A 611 -9.06 -19.64 4.42
N ILE A 612 -8.45 -20.72 4.94
CA ILE A 612 -7.64 -20.63 6.16
C ILE A 612 -6.45 -19.71 5.91
N ALA A 613 -5.76 -19.91 4.78
CA ALA A 613 -4.60 -19.08 4.49
C ALA A 613 -4.99 -17.61 4.38
N PHE A 614 -6.08 -17.31 3.68
CA PHE A 614 -6.48 -15.91 3.54
C PHE A 614 -6.94 -15.32 4.86
N LEU A 615 -7.66 -16.09 5.67
CA LEU A 615 -8.09 -15.58 6.97
C LEU A 615 -6.91 -15.30 7.88
N ILE A 616 -5.89 -16.17 7.86
CA ILE A 616 -4.70 -15.91 8.68
C ILE A 616 -3.96 -14.69 8.15
N SER A 617 -3.94 -14.52 6.82
CA SER A 617 -3.32 -13.31 6.26
C SER A 617 -4.08 -12.06 6.68
N ALA A 618 -5.39 -12.17 6.86
CA ALA A 618 -6.20 -11.01 7.22
C ALA A 618 -5.85 -10.47 8.60
N ILE A 619 -5.15 -11.24 9.42
CA ILE A 619 -4.78 -10.79 10.76
C ILE A 619 -3.75 -9.68 10.76
N SER A 620 -3.11 -9.43 9.62
CA SER A 620 -2.02 -8.46 9.57
C SER A 620 -2.54 -7.07 9.95
N PRO A 621 -1.73 -6.26 10.64
CA PRO A 621 -2.24 -4.96 11.12
C PRO A 621 -2.69 -4.02 10.02
N PHE A 622 -2.05 -4.07 8.85
CA PHE A 622 -2.41 -3.16 7.78
C PHE A 622 -3.82 -3.46 7.28
N TYR A 623 -4.64 -2.42 7.19
CA TYR A 623 -6.03 -2.63 6.82
C TYR A 623 -6.19 -2.97 5.35
N SER A 624 -5.28 -2.52 4.50
CA SER A 624 -5.36 -2.88 3.08
C SER A 624 -5.25 -4.39 2.90
N ILE A 625 -4.26 -5.01 3.55
CA ILE A 625 -4.11 -6.45 3.46
C ILE A 625 -5.27 -7.16 4.15
N CYS A 626 -5.74 -6.63 5.27
CA CYS A 626 -6.86 -7.25 5.96
C CYS A 626 -8.11 -7.29 5.07
N ALA A 627 -8.43 -6.16 4.43
CA ALA A 627 -9.60 -6.13 3.56
C ALA A 627 -9.40 -7.00 2.33
N PHE A 628 -8.21 -6.97 1.74
CA PHE A 628 -7.94 -7.81 0.57
C PHE A 628 -8.14 -9.28 0.90
N SER A 629 -7.57 -9.73 2.02
CA SER A 629 -7.70 -11.13 2.42
C SER A 629 -9.15 -11.46 2.76
N LEU A 630 -9.86 -10.57 3.45
CA LEU A 630 -11.24 -10.85 3.79
C LEU A 630 -12.10 -11.00 2.55
N PHE A 631 -11.95 -10.07 1.59
CA PHE A 631 -12.72 -10.16 0.37
C PHE A 631 -12.40 -11.43 -0.40
N THR A 632 -11.12 -11.77 -0.51
CA THR A 632 -10.75 -12.97 -1.23
C THR A 632 -11.30 -14.22 -0.56
N ALA A 633 -11.23 -14.28 0.77
CA ALA A 633 -11.73 -15.45 1.48
C ALA A 633 -13.24 -15.59 1.34
N SER A 634 -13.98 -14.49 1.47
CA SER A 634 -15.43 -14.56 1.30
C SER A 634 -15.80 -14.98 -0.12
N SER A 635 -15.10 -14.41 -1.11
CA SER A 635 -15.37 -14.77 -2.49
C SER A 635 -15.07 -16.24 -2.74
N LEU A 636 -13.97 -16.76 -2.18
CA LEU A 636 -13.65 -18.17 -2.35
C LEU A 636 -14.70 -19.06 -1.71
N PHE A 637 -15.17 -18.70 -0.51
CA PHE A 637 -16.19 -19.52 0.14
C PHE A 637 -17.47 -19.56 -0.67
N PHE A 638 -17.95 -18.39 -1.11
CA PHE A 638 -19.18 -18.38 -1.88
C PHE A 638 -18.99 -19.03 -3.26
N GLY A 639 -17.79 -18.94 -3.83
CA GLY A 639 -17.52 -19.66 -5.06
C GLY A 639 -17.52 -21.17 -4.87
N TYR A 640 -17.04 -21.63 -3.71
CA TYR A 640 -17.14 -23.05 -3.40
C TYR A 640 -18.59 -23.49 -3.29
N LEU A 641 -19.42 -22.69 -2.63
CA LEU A 641 -20.84 -23.02 -2.57
C LEU A 641 -21.46 -23.04 -3.97
N MET A 642 -21.10 -22.06 -4.81
CA MET A 642 -21.60 -22.04 -6.18
C MET A 642 -21.15 -23.27 -6.95
N VAL A 643 -19.90 -23.70 -6.77
CA VAL A 643 -19.43 -24.91 -7.43
C VAL A 643 -20.25 -26.10 -6.97
N LEU A 644 -20.55 -26.17 -5.67
CA LEU A 644 -21.30 -27.31 -5.16
C LEU A 644 -22.73 -27.35 -5.68
N THR A 645 -23.36 -26.20 -5.90
CA THR A 645 -24.76 -26.20 -6.31
C THR A 645 -24.98 -25.84 -7.78
N PHE A 646 -24.58 -24.64 -8.18
CA PHE A 646 -24.85 -24.14 -9.53
C PHE A 646 -24.13 -24.97 -10.58
N LEU A 647 -22.83 -25.21 -10.38
CA LEU A 647 -22.07 -25.99 -11.33
C LEU A 647 -22.48 -27.46 -11.33
N LEU A 648 -22.77 -28.02 -10.15
CA LEU A 648 -23.16 -29.42 -10.09
C LEU A 648 -24.49 -29.66 -10.80
N SER A 649 -25.41 -28.69 -10.74
CA SER A 649 -26.65 -28.85 -11.47
C SER A 649 -26.42 -28.88 -12.98
N PHE A 650 -25.54 -28.02 -13.48
CA PHE A 650 -25.21 -28.06 -14.90
C PHE A 650 -24.51 -29.36 -15.27
N LEU A 651 -23.67 -29.88 -14.36
CA LEU A 651 -23.06 -31.17 -14.59
C LEU A 651 -24.11 -32.27 -14.71
N CYS A 652 -25.12 -32.22 -13.83
CA CYS A 652 -26.21 -33.20 -13.92
C CYS A 652 -26.97 -33.08 -15.23
N ILE A 653 -27.24 -31.84 -15.67
CA ILE A 653 -27.97 -31.65 -16.91
C ILE A 653 -27.18 -32.20 -18.10
N GLU A 654 -25.89 -31.88 -18.15
CA GLU A 654 -25.08 -32.38 -19.26
C GLU A 654 -24.88 -33.88 -19.18
N ALA A 655 -24.87 -34.46 -17.98
CA ALA A 655 -24.81 -35.90 -17.86
C ALA A 655 -26.08 -36.56 -18.38
N LYS A 656 -27.23 -35.96 -18.10
CA LYS A 656 -28.47 -36.46 -18.67
C LYS A 656 -28.44 -36.38 -20.19
N LEU A 657 -27.94 -35.27 -20.73
CA LEU A 657 -27.84 -35.15 -22.18
C LEU A 657 -26.90 -36.19 -22.77
N GLU A 658 -25.78 -36.45 -22.11
CA GLU A 658 -24.84 -37.48 -22.57
C GLU A 658 -25.48 -38.85 -22.54
N LYS A 659 -26.23 -39.16 -21.48
CA LYS A 659 -26.92 -40.43 -21.40
C LYS A 659 -27.93 -40.57 -22.53
N LYS A 660 -28.65 -39.50 -22.84
CA LYS A 660 -29.56 -39.50 -23.98
C LYS A 660 -28.83 -39.38 -25.31
N LYS A 661 -27.51 -39.23 -25.29
CA LYS A 661 -26.68 -39.17 -26.49
C LYS A 661 -27.06 -38.00 -27.39
N ARG A 662 -27.37 -36.86 -26.78
CA ARG A 662 -27.62 -35.62 -27.50
C ARG A 662 -26.77 -34.51 -26.89
N ASN A 663 -26.06 -33.77 -27.73
CA ASN A 663 -25.17 -32.73 -27.25
C ASN A 663 -25.97 -31.47 -26.92
N ILE A 664 -25.24 -30.37 -26.69
CA ILE A 664 -25.87 -29.13 -26.25
C ILE A 664 -26.80 -28.59 -27.33
N PHE A 665 -26.35 -28.61 -28.58
CA PHE A 665 -27.14 -28.05 -29.68
C PHE A 665 -28.39 -28.88 -29.93
N THR A 666 -28.22 -30.20 -30.04
CA THR A 666 -29.37 -31.07 -30.25
C THR A 666 -30.32 -31.02 -29.06
N GLY A 667 -29.76 -30.98 -27.85
CA GLY A 667 -30.60 -30.84 -26.66
C GLY A 667 -31.39 -29.55 -26.66
N THR A 668 -30.77 -28.45 -27.10
CA THR A 668 -31.49 -27.18 -27.20
C THR A 668 -32.59 -27.27 -28.24
N PHE A 669 -32.31 -27.92 -29.37
CA PHE A 669 -33.34 -28.08 -30.40
C PHE A 669 -34.52 -28.87 -29.87
N HIS A 670 -34.25 -29.96 -29.14
CA HIS A 670 -35.34 -30.76 -28.60
C HIS A 670 -36.09 -30.05 -27.48
N LEU A 671 -35.38 -29.26 -26.67
CA LEU A 671 -36.03 -28.47 -25.64
C LEU A 671 -36.97 -27.44 -26.26
N PHE A 672 -36.53 -26.80 -27.35
CA PHE A 672 -37.40 -25.89 -28.08
C PHE A 672 -38.60 -26.64 -28.66
N ARG A 673 -38.37 -27.84 -29.20
CA ARG A 673 -39.46 -28.65 -29.71
C ARG A 673 -40.42 -29.05 -28.58
N SER A 674 -39.88 -29.43 -27.43
CA SER A 674 -40.71 -29.83 -26.31
C SER A 674 -41.36 -28.61 -25.65
N ILE A 721 -17.29 -50.04 -6.67
CA ILE A 721 -16.06 -50.01 -7.43
C ILE A 721 -15.28 -48.73 -7.15
N SER A 722 -14.00 -48.88 -6.84
CA SER A 722 -13.12 -47.75 -6.56
C SER A 722 -12.29 -47.44 -7.79
N ILE A 723 -12.05 -46.15 -8.04
CA ILE A 723 -11.29 -45.73 -9.21
C ILE A 723 -9.85 -46.23 -9.13
N TYR A 724 -9.27 -46.28 -7.93
CA TYR A 724 -7.93 -46.83 -7.77
C TYR A 724 -7.90 -48.30 -8.12
N GLU A 725 -8.94 -49.04 -7.73
CA GLU A 725 -9.06 -50.43 -8.15
C GLU A 725 -9.12 -50.53 -9.67
N TRP A 726 -9.87 -49.63 -10.30
CA TRP A 726 -9.99 -49.66 -11.75
C TRP A 726 -8.66 -49.41 -12.44
N ILE A 727 -7.90 -48.42 -11.96
CA ILE A 727 -6.62 -48.13 -12.61
C ILE A 727 -5.62 -49.25 -12.34
N HIS A 728 -5.66 -49.85 -11.15
CA HIS A 728 -4.80 -50.99 -10.88
C HIS A 728 -5.14 -52.17 -11.78
N ASN A 729 -6.43 -52.42 -11.99
CA ASN A 729 -6.84 -53.49 -12.90
C ASN A 729 -6.41 -53.19 -14.33
N LEU A 730 -6.51 -51.92 -14.74
CA LEU A 730 -6.06 -51.55 -16.08
C LEU A 730 -4.57 -51.81 -16.25
N TYR A 731 -3.77 -51.44 -15.25
CA TYR A 731 -2.33 -51.67 -15.36
C TYR A 731 -1.98 -53.14 -15.29
N LEU A 732 -2.74 -53.93 -14.51
CA LEU A 732 -2.52 -55.38 -14.51
C LEU A 732 -2.87 -55.99 -15.87
N PHE A 733 -3.98 -55.53 -16.47
CA PHE A 733 -4.37 -56.01 -17.79
C PHE A 733 -3.35 -55.60 -18.85
N GLU A 734 -2.69 -54.46 -18.65
CA GLU A 734 -1.65 -54.03 -19.58
C GLU A 734 -0.48 -55.01 -19.64
N GLU A 735 -0.28 -55.81 -18.59
CA GLU A 735 0.80 -56.78 -18.58
C GLU A 735 0.61 -57.87 -19.63
N SER A 736 -0.60 -58.01 -20.17
CA SER A 736 -0.86 -59.02 -21.20
C SER A 736 -0.11 -58.69 -22.50
N TYR A 1047 -13.32 -53.38 -22.21
CA TYR A 1047 -14.64 -52.81 -22.07
C TYR A 1047 -14.68 -51.77 -20.96
N ILE A 1048 -14.05 -52.10 -19.83
CA ILE A 1048 -14.00 -51.20 -18.68
C ILE A 1048 -12.64 -50.50 -18.67
N TYR A 1049 -11.61 -51.17 -19.18
CA TYR A 1049 -10.26 -50.64 -19.11
C TYR A 1049 -10.02 -49.54 -20.14
N GLU A 1050 -10.67 -49.63 -21.30
CA GLU A 1050 -10.44 -48.69 -22.38
C GLU A 1050 -11.47 -47.57 -22.37
N GLU A 1051 -10.99 -46.33 -22.41
CA GLU A 1051 -11.88 -45.19 -22.44
C GLU A 1051 -12.59 -45.08 -23.80
N PRO A 1052 -13.81 -44.57 -23.82
CA PRO A 1052 -14.51 -44.39 -25.09
C PRO A 1052 -13.92 -43.25 -25.89
N LYS A 1053 -14.26 -43.23 -27.18
CA LYS A 1053 -13.79 -42.18 -28.07
C LYS A 1053 -14.35 -40.83 -27.64
N GLY A 1054 -13.49 -39.81 -27.63
CA GLY A 1054 -13.93 -38.47 -27.33
C GLY A 1054 -14.17 -38.20 -25.86
N ASN A 1055 -13.58 -38.97 -24.96
CA ASN A 1055 -13.77 -38.73 -23.54
C ASN A 1055 -13.10 -37.41 -23.16
N ILE A 1056 -13.43 -36.93 -21.95
CA ILE A 1056 -13.03 -35.58 -21.55
C ILE A 1056 -11.51 -35.46 -21.48
N GLY A 1057 -10.85 -36.41 -20.84
CA GLY A 1057 -9.41 -36.33 -20.69
C GLY A 1057 -8.66 -37.49 -21.29
N LYS A 1058 -9.19 -38.04 -22.39
CA LYS A 1058 -8.57 -39.23 -22.99
C LYS A 1058 -7.21 -38.91 -23.58
N TYR A 1059 -7.12 -37.84 -24.37
CA TYR A 1059 -5.88 -37.56 -25.09
C TYR A 1059 -4.77 -37.13 -24.15
N PHE A 1060 -5.08 -36.28 -23.17
CA PHE A 1060 -4.06 -35.83 -22.23
C PHE A 1060 -3.54 -36.99 -21.39
N ARG A 1061 -4.43 -37.84 -20.91
CA ARG A 1061 -3.98 -39.02 -20.15
C ARG A 1061 -3.18 -39.96 -21.04
N SER A 1062 -3.55 -40.07 -22.32
CA SER A 1062 -2.76 -40.89 -23.24
C SER A 1062 -1.36 -40.33 -23.39
N LEU A 1063 -1.23 -39.01 -23.52
CA LEU A 1063 0.09 -38.40 -23.60
C LEU A 1063 0.90 -38.63 -22.33
N VAL A 1064 0.26 -38.49 -21.18
CA VAL A 1064 0.96 -38.65 -19.91
C VAL A 1064 1.44 -40.09 -19.76
N LYS A 1065 0.58 -41.06 -20.09
CA LYS A 1065 0.94 -42.46 -19.88
C LYS A 1065 1.98 -42.92 -20.91
N ASN A 1066 1.83 -42.49 -22.17
CA ASN A 1066 2.69 -43.01 -23.22
C ASN A 1066 4.08 -42.39 -23.16
N TYR A 1067 4.18 -41.10 -22.88
CA TYR A 1067 5.43 -40.38 -22.99
C TYR A 1067 5.99 -39.92 -21.64
N TYR A 1068 5.21 -39.16 -20.88
CA TYR A 1068 5.74 -38.51 -19.68
C TYR A 1068 6.07 -39.53 -18.60
N VAL A 1069 5.17 -40.47 -18.34
CA VAL A 1069 5.41 -41.47 -17.30
C VAL A 1069 6.63 -42.33 -17.60
N PRO A 1070 6.82 -42.87 -18.82
CA PRO A 1070 8.07 -43.60 -19.07
C PRO A 1070 9.31 -42.74 -18.91
N PHE A 1071 9.22 -41.46 -19.24
CA PHE A 1071 10.35 -40.57 -19.04
C PHE A 1071 10.69 -40.43 -17.56
N LEU A 1072 9.66 -40.26 -16.72
CA LEU A 1072 9.92 -40.13 -15.28
C LEU A 1072 10.42 -41.42 -14.67
N SER A 1073 9.86 -42.56 -15.12
CA SER A 1073 10.28 -43.84 -14.56
C SER A 1073 11.68 -44.24 -15.02
N SER A 1074 12.12 -43.73 -16.16
CA SER A 1074 13.45 -44.07 -16.66
C SER A 1074 14.53 -43.47 -15.78
N ARG A 1075 15.67 -44.15 -15.75
CA ARG A 1075 16.81 -43.66 -14.97
C ARG A 1075 17.28 -42.30 -15.50
N PHE A 1076 17.31 -42.15 -16.83
CA PHE A 1076 17.73 -40.89 -17.41
C PHE A 1076 16.83 -39.74 -17.00
N GLY A 1077 15.52 -39.97 -16.99
CA GLY A 1077 14.61 -38.94 -16.54
C GLY A 1077 14.80 -38.59 -15.07
N LYS A 1078 15.02 -39.60 -14.23
CA LYS A 1078 15.23 -39.35 -12.82
C LYS A 1078 16.48 -38.52 -12.58
N THR A 1079 17.59 -38.86 -13.24
CA THR A 1079 18.81 -38.09 -13.02
C THR A 1079 18.68 -36.69 -13.60
N ILE A 1080 17.98 -36.54 -14.74
CA ILE A 1080 17.76 -35.21 -15.28
C ILE A 1080 16.96 -34.36 -14.31
N VAL A 1081 15.89 -34.92 -13.75
CA VAL A 1081 15.08 -34.17 -12.81
C VAL A 1081 15.88 -33.79 -11.57
N TYR A 1082 16.67 -34.74 -11.06
CA TYR A 1082 17.47 -34.46 -9.86
C TYR A 1082 18.46 -33.34 -10.11
N ILE A 1083 19.16 -33.39 -11.25
CA ILE A 1083 20.15 -32.36 -11.57
C ILE A 1083 19.46 -31.01 -11.76
N MET A 1084 18.34 -30.99 -12.48
CA MET A 1084 17.64 -29.74 -12.73
C MET A 1084 17.17 -29.10 -11.43
N PHE A 1085 16.60 -29.89 -10.52
CA PHE A 1085 16.11 -29.31 -9.29
C PHE A 1085 17.22 -28.99 -8.31
N THR A 1086 18.35 -29.70 -8.37
CA THR A 1086 19.52 -29.27 -7.60
C THR A 1086 20.01 -27.91 -8.07
N ILE A 1087 20.05 -27.70 -9.38
CA ILE A 1087 20.43 -26.39 -9.91
C ILE A 1087 19.44 -25.33 -9.46
N ILE A 1088 18.14 -25.64 -9.52
CA ILE A 1088 17.13 -24.67 -9.11
C ILE A 1088 17.27 -24.31 -7.64
N ILE A 1089 17.50 -25.31 -6.78
CA ILE A 1089 17.63 -25.03 -5.36
C ILE A 1089 18.90 -24.24 -5.07
N ALA A 1090 19.99 -24.54 -5.77
CA ALA A 1090 21.20 -23.75 -5.58
C ALA A 1090 20.98 -22.29 -6.00
N MET A 1091 20.29 -22.08 -7.12
CA MET A 1091 19.96 -20.72 -7.53
C MET A 1091 19.06 -20.04 -6.51
N SER A 1092 18.15 -20.80 -5.90
CA SER A 1092 17.30 -20.23 -4.86
C SER A 1092 18.11 -19.79 -3.66
N ILE A 1093 19.08 -20.60 -3.26
CA ILE A 1093 19.94 -20.23 -2.12
C ILE A 1093 20.72 -18.96 -2.46
N TYR A 1094 21.30 -18.92 -3.66
CA TYR A 1094 22.06 -17.73 -4.05
C TYR A 1094 21.19 -16.49 -4.09
N GLY A 1095 19.95 -16.63 -4.56
CA GLY A 1095 19.02 -15.51 -4.51
C GLY A 1095 18.69 -15.09 -3.09
N CYS A 1096 18.51 -16.06 -2.20
CA CYS A 1096 18.29 -15.74 -0.79
C CYS A 1096 19.45 -14.95 -0.23
N THR A 1097 20.66 -15.21 -0.73
CA THR A 1097 21.79 -14.37 -0.34
C THR A 1097 21.60 -12.92 -0.75
N LEU A 1098 21.09 -12.69 -1.96
CA LEU A 1098 20.87 -11.34 -2.48
C LEU A 1098 19.46 -10.91 -2.07
N MET A 1099 19.32 -10.52 -0.80
CA MET A 1099 18.03 -10.17 -0.22
C MET A 1099 17.95 -8.67 -0.03
N LYS A 1100 16.87 -8.07 -0.53
CA LYS A 1100 16.62 -6.64 -0.38
C LYS A 1100 15.21 -6.43 0.14
N LYS A 1101 15.02 -5.32 0.86
CA LYS A 1101 13.78 -5.05 1.56
C LYS A 1101 13.32 -3.62 1.26
N GLY A 1102 12.02 -3.46 1.05
CA GLY A 1102 11.43 -2.15 0.91
C GLY A 1102 10.96 -1.80 -0.48
N ILE A 1103 9.85 -1.06 -0.56
CA ILE A 1103 9.32 -0.56 -1.82
C ILE A 1103 8.95 0.90 -1.63
N LYS A 1104 9.20 1.72 -2.65
CA LYS A 1104 8.82 3.12 -2.57
C LYS A 1104 7.31 3.26 -2.74
N TYR A 1105 6.73 4.21 -2.00
CA TYR A 1105 5.29 4.35 -1.96
C TYR A 1105 4.72 4.73 -3.33
N ASP A 1106 5.42 5.60 -4.07
CA ASP A 1106 4.88 6.10 -5.32
C ASP A 1106 4.68 5.00 -6.35
N LYS A 1107 5.29 3.84 -6.17
CA LYS A 1107 5.05 2.72 -7.06
C LYS A 1107 3.60 2.27 -7.04
N ALA A 1108 2.86 2.61 -5.99
CA ALA A 1108 1.44 2.27 -5.94
C ALA A 1108 0.61 3.08 -6.92
N PHE A 1109 1.18 4.13 -7.51
CA PHE A 1109 0.40 4.95 -8.42
C PHE A 1109 0.81 4.68 -9.87
N PRO A 1110 -0.10 4.89 -10.81
CA PRO A 1110 0.26 4.76 -12.23
C PRO A 1110 1.27 5.81 -12.64
N VAL A 1111 2.09 5.46 -13.63
CA VAL A 1111 3.17 6.34 -14.06
C VAL A 1111 2.64 7.66 -14.62
N ASP A 1112 1.43 7.65 -15.19
CA ASP A 1112 0.88 8.85 -15.80
C ASP A 1112 0.23 9.79 -14.80
N SER A 1113 0.08 9.39 -13.54
CA SER A 1113 -0.48 10.27 -12.53
C SER A 1113 0.44 11.48 -12.34
N TYR A 1114 -0.18 12.66 -12.15
CA TYR A 1114 0.61 13.88 -12.11
C TYR A 1114 1.54 13.92 -10.91
N VAL A 1115 1.21 13.18 -9.84
CA VAL A 1115 2.11 13.13 -8.69
C VAL A 1115 3.42 12.46 -9.06
N ARG A 1116 3.34 11.31 -9.72
CA ARG A 1116 4.56 10.60 -10.12
C ARG A 1116 5.36 11.41 -11.15
N ARG A 1117 4.66 12.05 -12.08
CA ARG A 1117 5.36 12.87 -13.07
C ARG A 1117 6.08 14.04 -12.40
N PHE A 1118 5.42 14.69 -11.45
CA PHE A 1118 6.08 15.77 -10.71
C PHE A 1118 7.28 15.25 -9.94
N THR A 1119 7.14 14.10 -9.29
CA THR A 1119 8.27 13.56 -8.54
C THR A 1119 9.44 13.25 -9.45
N THR A 1120 9.15 12.64 -10.59
CA THR A 1120 10.20 12.31 -11.54
C THR A 1120 10.93 13.56 -11.96
N ALA A 1121 10.16 14.59 -12.31
CA ALA A 1121 10.77 15.82 -12.74
C ALA A 1121 11.63 16.41 -11.65
N LYS A 1122 11.09 16.51 -10.45
CA LYS A 1122 11.84 17.10 -9.37
C LYS A 1122 13.16 16.38 -9.24
N ILE A 1123 13.11 15.05 -9.25
CA ILE A 1123 14.35 14.28 -9.15
C ILE A 1123 15.29 14.62 -10.28
N LYS A 1124 14.74 14.77 -11.48
CA LYS A 1124 15.57 15.09 -12.64
C LYS A 1124 16.23 16.46 -12.55
N TYR A 1125 15.44 17.52 -12.37
CA TYR A 1125 16.00 18.86 -12.39
C TYR A 1125 16.51 19.38 -11.04
N PHE A 1126 16.22 18.68 -9.96
CA PHE A 1126 16.65 19.12 -8.63
C PHE A 1126 17.16 17.96 -7.80
N PRO A 1127 18.36 17.46 -8.12
CA PRO A 1127 18.90 16.28 -7.42
C PRO A 1127 19.15 16.52 -5.94
N ASP A 1128 19.57 17.73 -5.56
CA ASP A 1128 19.92 17.99 -4.16
C ASP A 1128 18.69 18.03 -3.28
N PHE A 1129 17.65 18.75 -3.72
CA PHE A 1129 16.46 18.98 -2.90
C PHE A 1129 15.49 17.80 -3.07
N GLY A 1130 15.92 16.65 -2.57
CA GLY A 1130 15.14 15.44 -2.71
C GLY A 1130 14.09 15.26 -1.63
N ASP A 1131 14.52 15.22 -0.37
CA ASP A 1131 13.63 15.01 0.76
C ASP A 1131 13.88 16.11 1.79
N PHE A 1132 12.80 16.59 2.40
CA PHE A 1132 12.88 17.69 3.36
C PHE A 1132 12.67 17.12 4.76
N ILE A 1133 13.76 16.62 5.36
CA ILE A 1133 13.67 15.97 6.66
C ILE A 1133 13.59 17.03 7.75
N GLU A 1134 12.65 16.87 8.68
CA GLU A 1134 12.43 17.83 9.75
C GLU A 1134 12.75 17.17 11.08
N VAL A 1135 13.62 17.80 11.87
CA VAL A 1135 14.07 17.26 13.14
C VAL A 1135 13.49 18.11 14.25
N TYR A 1136 12.82 17.48 15.20
CA TYR A 1136 12.10 18.16 16.27
C TYR A 1136 12.61 17.71 17.63
N TYR A 1137 12.56 18.62 18.59
CA TYR A 1137 12.76 18.29 20.01
C TYR A 1137 11.57 18.80 20.80
N PHE A 1138 10.99 17.92 21.62
CA PHE A 1138 9.87 18.24 22.47
C PHE A 1138 10.20 17.89 23.91
N ASP A 1139 9.91 18.80 24.84
CA ASP A 1139 10.07 18.51 26.25
C ASP A 1139 8.91 17.63 26.72
N LYS A 1140 9.25 16.51 27.37
CA LYS A 1140 8.22 15.56 27.77
C LYS A 1140 7.26 16.17 28.77
N HIS A 1141 7.76 16.94 29.73
CA HIS A 1141 6.89 17.54 30.73
C HIS A 1141 5.92 18.52 30.09
N PHE A 1142 6.41 19.36 29.19
CA PHE A 1142 5.54 20.32 28.51
C PHE A 1142 4.49 19.61 27.66
N ILE A 1143 4.91 18.59 26.90
CA ILE A 1143 3.98 17.87 26.06
C ILE A 1143 2.89 17.19 26.91
N ASN A 1144 3.30 16.53 27.99
CA ASN A 1144 2.33 15.85 28.84
C ASN A 1144 1.40 16.86 29.51
N LYS A 1145 1.94 18.00 29.93
CA LYS A 1145 1.11 19.01 30.58
C LYS A 1145 0.05 19.55 29.62
N TYR A 1146 0.43 19.81 28.37
CA TYR A 1146 -0.54 20.40 27.45
C TYR A 1146 -1.39 19.37 26.72
N ARG A 1147 -1.04 18.07 26.78
CA ARG A 1147 -1.90 17.05 26.22
C ARG A 1147 -3.12 16.77 27.09
N GLY A 1148 -3.03 17.03 28.39
CA GLY A 1148 -4.13 16.74 29.29
C GLY A 1148 -5.36 17.56 29.00
N LEU A 1149 -5.19 18.73 28.40
CA LEU A 1149 -6.34 19.57 28.05
C LEU A 1149 -7.25 18.90 27.05
N GLU A 1150 -6.68 18.13 26.12
CA GLU A 1150 -7.50 17.49 25.08
C GLU A 1150 -8.45 16.45 25.68
N LYS A 1151 -7.99 15.72 26.70
CA LYS A 1151 -8.79 14.69 27.35
C LYS A 1151 -9.25 13.63 26.36
N LEU A 1161 -0.70 -9.40 19.14
CA LEU A 1161 -0.01 -10.51 18.50
C LEU A 1161 1.36 -10.10 17.97
N TYR A 1162 1.42 -8.91 17.37
CA TYR A 1162 2.65 -8.38 16.81
C TYR A 1162 3.28 -7.41 17.80
N SER A 1163 4.52 -7.71 18.21
CA SER A 1163 5.22 -6.92 19.21
C SER A 1163 6.23 -5.96 18.60
N ASP A 1164 6.18 -5.75 17.28
CA ASP A 1164 7.15 -4.89 16.59
C ASP A 1164 6.76 -3.41 16.79
N LEU A 1165 6.73 -3.01 18.06
CA LEU A 1165 6.45 -1.62 18.43
C LEU A 1165 7.73 -0.80 18.36
N THR A 1166 8.26 -0.67 17.15
CA THR A 1166 9.55 -0.03 16.93
C THR A 1166 9.43 1.48 17.06
N ASP A 1167 10.56 2.10 17.40
CA ASP A 1167 10.71 3.56 17.52
C ASP A 1167 9.84 4.17 18.60
N ARG A 1168 9.26 3.37 19.47
CA ARG A 1168 8.42 3.86 20.55
C ARG A 1168 9.04 3.65 21.92
N GLN A 1169 9.60 2.46 22.17
CA GLN A 1169 10.20 2.17 23.46
C GLN A 1169 11.42 3.05 23.72
N ILE A 1170 12.21 3.34 22.69
CA ILE A 1170 13.39 4.17 22.86
C ILE A 1170 13.00 5.57 23.30
N MET A 1171 11.98 6.14 22.66
CA MET A 1171 11.53 7.50 22.98
C MET A 1171 10.81 7.60 24.31
N ASN A 1172 10.48 6.48 24.94
CA ASN A 1172 9.74 6.47 26.21
C ASN A 1172 10.64 6.19 27.40
N SER A 1173 11.92 6.52 27.31
CA SER A 1173 12.81 6.36 28.46
C SER A 1173 12.41 7.35 29.54
N PRO A 1174 12.42 6.95 30.81
CA PRO A 1174 11.99 7.86 31.88
C PRO A 1174 12.89 9.07 32.07
N LYS A 1175 14.13 9.01 31.57
CA LYS A 1175 15.12 10.05 31.83
C LYS A 1175 15.62 10.71 30.55
N ILE A 1176 14.71 10.97 29.61
CA ILE A 1176 15.07 11.55 28.33
C ILE A 1176 14.12 12.72 28.03
N ASN A 1177 14.66 13.79 27.45
CA ASN A 1177 13.89 14.96 27.05
C ASN A 1177 13.11 15.54 28.23
N LYS A 1178 13.75 15.63 29.39
CA LYS A 1178 13.13 16.20 30.57
C LYS A 1178 14.07 17.20 31.21
N ASN A 1179 13.55 18.41 31.46
CA ASN A 1179 14.28 19.51 32.09
C ASN A 1179 15.73 19.59 31.61
N VAL A 1180 15.89 19.63 30.29
CA VAL A 1180 17.21 19.75 29.70
C VAL A 1180 17.69 21.19 29.83
N HIS A 1181 18.89 21.37 30.37
CA HIS A 1181 19.48 22.70 30.53
C HIS A 1181 20.15 23.10 29.22
N TRP A 1182 19.48 23.94 28.44
CA TRP A 1182 20.05 24.40 27.18
C TRP A 1182 21.09 25.51 27.37
N GLU A 1183 21.21 26.05 28.57
CA GLU A 1183 22.22 27.06 28.85
C GLU A 1183 23.61 26.46 29.04
N ASN A 1184 23.72 25.14 29.11
CA ASN A 1184 25.01 24.50 29.30
C ASN A 1184 25.90 24.72 28.08
N THR A 1185 27.14 25.15 28.32
CA THR A 1185 28.08 25.35 27.22
C THR A 1185 28.42 24.03 26.53
N ASN A 1186 28.57 22.96 27.32
CA ASN A 1186 28.89 21.65 26.74
C ASN A 1186 27.79 21.20 25.80
N LEU A 1187 26.52 21.40 26.19
CA LEU A 1187 25.41 21.01 25.31
C LEU A 1187 25.40 21.82 24.03
N GLN A 1188 25.69 23.12 24.12
CA GLN A 1188 25.74 23.94 22.92
C GLN A 1188 26.86 23.50 21.99
N GLU A 1189 28.02 23.16 22.55
CA GLU A 1189 29.12 22.67 21.73
C GLU A 1189 28.75 21.34 21.09
N GLU A 1190 28.05 20.48 21.83
CA GLU A 1190 27.59 19.22 21.25
C GLU A 1190 26.59 19.46 20.12
N LEU A 1191 25.74 20.47 20.27
CA LEU A 1191 24.81 20.82 19.20
C LEU A 1191 25.57 21.28 17.95
N ILE A 1192 26.60 22.10 18.14
CA ILE A 1192 27.38 22.56 17.00
C ILE A 1192 28.08 21.39 16.32
N ASN A 1193 28.67 20.49 17.11
CA ASN A 1193 29.32 19.31 16.53
C ASN A 1193 28.32 18.43 15.81
N MET A 1194 27.11 18.30 16.35
CA MET A 1194 26.07 17.53 15.69
C MET A 1194 25.68 18.15 14.36
N HIS A 1195 25.54 19.47 14.31
CA HIS A 1195 25.24 20.13 13.04
C HIS A 1195 26.35 19.92 12.03
N ASN A 1196 27.61 20.04 12.46
CA ASN A 1196 28.73 19.81 11.55
C ASN A 1196 28.75 18.38 11.05
N THR A 1197 28.49 17.42 11.94
CA THR A 1197 28.45 16.02 11.53
C THR A 1197 27.33 15.77 10.53
N LEU A 1198 26.16 16.36 10.77
CA LEU A 1198 25.05 16.19 9.84
C LEU A 1198 25.38 16.78 8.48
N GLU A 1199 26.07 17.93 8.47
CA GLU A 1199 26.52 18.48 7.20
C GLU A 1199 27.56 17.59 6.54
N SER A 1200 28.36 16.88 7.34
CA SER A 1200 29.44 16.08 6.78
C SER A 1200 28.94 14.89 5.97
N GLN A 1201 27.69 14.46 6.21
CA GLN A 1201 27.17 13.30 5.51
C GLN A 1201 27.03 13.59 4.02
N GLU A 1202 27.32 12.59 3.20
CA GLU A 1202 27.24 12.75 1.75
C GLU A 1202 25.80 12.94 1.29
N PHE A 1203 24.84 12.26 1.94
CA PHE A 1203 23.46 12.34 1.53
C PHE A 1203 22.75 13.61 1.98
N VAL A 1204 23.39 14.42 2.83
CA VAL A 1204 22.81 15.68 3.29
C VAL A 1204 23.45 16.80 2.50
N THR A 1205 22.62 17.61 1.83
CA THR A 1205 23.10 18.70 1.01
C THR A 1205 23.11 20.03 1.75
N SER A 1206 22.01 20.38 2.40
CA SER A 1206 21.89 21.64 3.11
C SER A 1206 21.21 21.41 4.44
N VAL A 1207 21.60 22.21 5.44
CA VAL A 1207 21.01 22.16 6.77
C VAL A 1207 20.60 23.58 7.16
N ALA A 1208 19.38 23.72 7.67
CA ALA A 1208 18.85 25.01 8.10
C ALA A 1208 18.54 24.90 9.58
N ASN A 1209 19.55 25.18 10.41
CA ASN A 1209 19.45 25.04 11.85
C ASN A 1209 19.62 26.41 12.50
N GLY A 1210 18.52 27.00 12.95
CA GLY A 1210 18.58 28.31 13.57
C GLY A 1210 19.40 28.30 14.85
N PHE A 1211 19.35 27.19 15.59
CA PHE A 1211 20.11 27.08 16.83
C PHE A 1211 21.61 27.21 16.58
N THR A 1212 22.09 26.59 15.49
CA THR A 1212 23.49 26.70 15.14
C THR A 1212 23.87 28.13 14.84
N PHE A 1213 23.03 28.84 14.09
CA PHE A 1213 23.30 30.25 13.79
C PHE A 1213 23.34 31.08 15.06
N PHE A 1214 22.40 30.84 15.97
CA PHE A 1214 22.38 31.57 17.23
C PHE A 1214 23.64 31.33 18.03
N LEU A 1215 24.06 30.06 18.13
CA LEU A 1215 25.25 29.73 18.91
C LEU A 1215 26.49 30.34 18.28
N ASN A 1216 26.60 30.28 16.94
CA ASN A 1216 27.75 30.84 16.26
C ASN A 1216 27.82 32.35 16.46
N LYS A 1217 26.66 33.03 16.35
CA LYS A 1217 26.64 34.48 16.48
C LYS A 1217 27.03 34.91 17.89
N ASN A 1218 26.52 34.21 18.91
CA ASN A 1218 26.71 34.58 20.30
C ASN A 1218 27.43 33.45 21.03
N LYS A 1219 28.69 33.67 21.38
CA LYS A 1219 29.45 32.74 22.20
C LYS A 1219 29.90 33.36 23.52
N SER A 1220 30.43 34.58 23.48
CA SER A 1220 30.86 35.23 24.70
C SER A 1220 29.67 35.53 25.62
N SER A 1221 28.55 35.93 25.04
CA SER A 1221 27.38 36.29 25.84
C SER A 1221 26.85 35.09 26.61
N LEU A 1222 27.02 33.89 26.07
CA LEU A 1222 26.49 32.69 26.70
C LEU A 1222 27.48 32.03 27.66
N ARG A 1223 28.62 32.67 27.92
CA ARG A 1223 29.60 32.08 28.84
C ARG A 1223 29.05 31.97 30.25
N LYS A 1224 28.15 32.86 30.63
CA LYS A 1224 27.61 32.85 31.99
C LYS A 1224 26.80 31.59 32.28
N GLU A 1225 26.18 31.00 31.26
CA GLU A 1225 25.34 29.81 31.41
C GLU A 1225 24.19 30.06 32.38
N ASN A 1226 23.71 31.28 32.43
CA ASN A 1226 22.56 31.61 33.27
C ASN A 1226 21.28 31.36 32.49
N PRO A 1227 20.36 30.54 33.01
CA PRO A 1227 19.13 30.23 32.25
C PRO A 1227 18.35 31.47 31.86
N GLN A 1228 18.22 32.44 32.77
CA GLN A 1228 17.53 33.68 32.43
C GLN A 1228 18.28 34.45 31.36
N GLU A 1229 19.61 34.51 31.46
CA GLU A 1229 20.40 35.18 30.45
C GLU A 1229 20.27 34.49 29.10
N PHE A 1230 20.30 33.16 29.10
CA PHE A 1230 20.14 32.42 27.85
C PHE A 1230 18.79 32.70 27.23
N TYR A 1231 17.72 32.68 28.04
CA TYR A 1231 16.39 32.94 27.52
C TYR A 1231 16.29 34.34 26.94
N GLU A 1232 16.79 35.34 27.67
CA GLU A 1232 16.68 36.71 27.19
C GLU A 1232 17.49 36.92 25.92
N ILE A 1233 18.71 36.37 25.86
CA ILE A 1233 19.54 36.54 24.67
C ILE A 1233 18.90 35.86 23.47
N PHE A 1234 18.37 34.64 23.66
CA PHE A 1234 17.72 33.95 22.56
C PHE A 1234 16.49 34.71 22.08
N ALA A 1235 15.69 35.24 23.02
CA ALA A 1235 14.50 36.00 22.64
C ALA A 1235 14.88 37.25 21.87
N ASN A 1236 15.91 37.97 22.33
CA ASN A 1236 16.33 39.17 21.63
C ASN A 1236 16.86 38.84 20.24
N TRP A 1237 17.62 37.76 20.11
CA TRP A 1237 18.14 37.37 18.81
C TRP A 1237 17.02 37.01 17.86
N LEU A 1238 16.00 36.29 18.35
CA LEU A 1238 14.85 35.97 17.51
C LEU A 1238 14.07 37.21 17.12
N LYS A 1239 13.91 38.15 18.05
CA LYS A 1239 13.09 39.33 17.82
C LYS A 1239 13.76 40.38 16.94
N LYS A 1240 15.07 40.52 17.00
CA LYS A 1240 15.77 41.63 16.36
C LYS A 1240 16.59 41.20 15.16
N ASP A 1241 17.39 40.15 15.29
CA ASP A 1241 18.29 39.76 14.21
C ASP A 1241 17.51 39.28 12.98
N PHE A 1242 18.08 39.54 11.80
CA PHE A 1242 17.43 39.15 10.56
C PHE A 1242 17.29 37.63 10.47
N VAL A 1243 18.38 36.90 10.71
CA VAL A 1243 18.32 35.45 10.71
C VAL A 1243 17.42 34.95 11.84
N GLY A 1244 17.50 35.60 12.99
CA GLY A 1244 16.57 35.27 14.07
C GLY A 1244 15.13 35.52 13.68
N ASN A 1245 14.88 36.61 12.95
CA ASN A 1245 13.53 36.86 12.44
C ASN A 1245 13.09 35.78 11.48
N LEU A 1246 14.02 35.23 10.70
CA LEU A 1246 13.69 34.11 9.83
C LEU A 1246 13.34 32.85 10.62
N PHE A 1247 14.08 32.59 11.69
CA PHE A 1247 13.94 31.35 12.45
C PHE A 1247 12.98 31.48 13.63
N LYS A 1248 12.30 32.61 13.78
CA LYS A 1248 11.39 32.80 14.91
C LYS A 1248 10.34 31.70 15.02
N ASN A 1249 9.95 31.10 13.90
CA ASN A 1249 8.86 30.15 13.90
C ASN A 1249 9.30 28.73 14.24
N ASP A 1250 10.55 28.54 14.66
CA ASP A 1250 11.09 27.21 14.93
C ASP A 1250 11.46 27.00 16.39
N PHE A 1251 11.00 27.88 17.28
CA PHE A 1251 11.36 27.78 18.69
C PHE A 1251 10.16 28.13 19.55
N VAL A 1252 10.01 27.39 20.66
CA VAL A 1252 8.92 27.60 21.61
C VAL A 1252 9.52 27.70 23.01
N PHE A 1253 9.27 28.82 23.67
CA PHE A 1253 9.70 29.03 25.04
C PHE A 1253 8.47 29.11 25.94
N LEU A 1254 8.46 28.33 27.00
CA LEU A 1254 7.42 28.37 28.02
C LEU A 1254 8.07 28.70 29.35
N ASN A 1255 7.59 29.76 30.00
CA ASN A 1255 8.08 30.18 31.32
C ASN A 1255 9.60 30.35 31.31
N GLY A 1256 10.15 30.86 30.22
CA GLY A 1256 11.58 31.09 30.14
C GLY A 1256 12.42 29.87 29.81
N LYS A 1257 11.81 28.74 29.50
CA LYS A 1257 12.53 27.52 29.17
C LYS A 1257 12.17 27.08 27.75
N LEU A 1258 13.19 26.76 26.97
CA LEU A 1258 12.97 26.25 25.62
C LEU A 1258 12.37 24.85 25.69
N VAL A 1259 11.07 24.75 25.42
CA VAL A 1259 10.39 23.48 25.61
C VAL A 1259 10.27 22.68 24.31
N ALA A 1260 10.35 23.36 23.17
CA ALA A 1260 10.29 22.65 21.89
C ALA A 1260 10.99 23.49 20.83
N TRP A 1261 11.62 22.80 19.89
CA TRP A 1261 12.25 23.49 18.76
C TRP A 1261 12.46 22.51 17.64
N ARG A 1262 12.98 23.02 16.52
CA ARG A 1262 13.13 22.19 15.33
C ARG A 1262 14.15 22.80 14.38
N PHE A 1263 14.61 21.96 13.46
CA PHE A 1263 15.37 22.43 12.31
C PHE A 1263 15.08 21.49 11.14
N HIS A 1264 15.65 21.80 9.98
CA HIS A 1264 15.35 21.07 8.76
C HIS A 1264 16.64 20.83 7.99
N TYR A 1265 16.62 19.80 7.15
CA TYR A 1265 17.74 19.57 6.25
C TYR A 1265 17.27 18.78 5.04
N PHE A 1266 17.94 19.01 3.91
CA PHE A 1266 17.62 18.33 2.67
C PHE A 1266 18.47 17.08 2.51
N GLN A 1267 17.86 16.07 1.91
CA GLN A 1267 18.48 14.76 1.70
C GLN A 1267 18.40 14.39 0.23
N LYS A 1268 19.49 13.88 -0.31
CA LYS A 1268 19.52 13.46 -1.70
C LYS A 1268 18.47 12.40 -1.96
N ASN A 1269 17.73 12.55 -3.06
CA ASN A 1269 16.72 11.58 -3.43
C ASN A 1269 17.39 10.37 -4.06
N VAL A 1270 16.93 9.18 -3.68
CA VAL A 1270 17.50 7.92 -4.16
C VAL A 1270 16.36 6.97 -4.49
N ASP A 1271 16.58 6.12 -5.48
CA ASP A 1271 15.54 5.21 -5.96
C ASP A 1271 15.36 3.98 -5.08
N ASP A 1272 16.26 3.73 -4.14
CA ASP A 1272 16.20 2.58 -3.26
C ASP A 1272 15.65 3.00 -1.91
N SER A 1273 14.59 2.34 -1.46
CA SER A 1273 14.01 2.68 -0.16
C SER A 1273 14.88 2.22 0.99
N GLU A 1274 15.60 1.11 0.83
CA GLU A 1274 16.41 0.58 1.91
C GLU A 1274 17.52 1.55 2.31
N ILE A 1275 18.21 2.12 1.32
CA ILE A 1275 19.28 3.06 1.62
C ILE A 1275 18.72 4.35 2.21
N SER A 1276 17.52 4.75 1.79
CA SER A 1276 16.87 5.91 2.39
C SER A 1276 16.54 5.66 3.86
N SER A 1277 16.05 4.47 4.17
CA SER A 1277 15.80 4.12 5.57
C SER A 1277 17.09 4.09 6.36
N LYS A 1278 18.17 3.59 5.75
CA LYS A 1278 19.47 3.62 6.40
C LYS A 1278 19.91 5.05 6.70
N TRP A 1279 19.71 5.96 5.73
CA TRP A 1279 20.05 7.36 5.95
C TRP A 1279 19.23 7.96 7.08
N LEU A 1280 17.94 7.65 7.14
CA LEU A 1280 17.11 8.18 8.21
C LEU A 1280 17.55 7.65 9.57
N LYS A 1281 17.90 6.37 9.64
CA LYS A 1281 18.37 5.81 10.91
C LYS A 1281 19.71 6.43 11.30
N ALA A 1282 20.59 6.67 10.33
CA ALA A 1282 21.85 7.34 10.63
C ALA A 1282 21.60 8.74 11.15
N CYS A 1283 20.64 9.46 10.57
CA CYS A 1283 20.30 10.79 11.07
C CYS A 1283 19.77 10.73 12.49
N LYS A 1284 18.92 9.74 12.78
CA LYS A 1284 18.41 9.58 14.13
C LYS A 1284 19.54 9.30 15.11
N GLN A 1285 20.51 8.50 14.70
CA GLN A 1285 21.67 8.24 15.55
C GLN A 1285 22.50 9.51 15.76
N ILE A 1286 22.64 10.33 14.71
CA ILE A 1286 23.41 11.56 14.84
C ILE A 1286 22.74 12.53 15.78
N THR A 1287 21.42 12.67 15.68
CA THR A 1287 20.69 13.60 16.55
C THR A 1287 20.68 13.16 18.01
N LYS A 1288 20.98 11.90 18.29
CA LYS A 1288 20.98 11.41 19.66
C LYS A 1288 22.10 12.06 20.46
N LEU A 1289 21.78 12.57 21.65
CA LEU A 1289 22.75 13.16 22.57
C LEU A 1289 22.51 12.52 23.94
N GLU A 1290 23.15 11.37 24.16
CA GLU A 1290 22.91 10.63 25.40
C GLU A 1290 23.56 11.29 26.60
N ASN A 1291 24.58 12.12 26.38
CA ASN A 1291 25.27 12.75 27.49
C ASN A 1291 24.37 13.75 28.21
N HIS A 1292 23.43 14.37 27.49
CA HIS A 1292 22.56 15.37 28.07
C HIS A 1292 21.08 14.98 28.03
N ASN A 1293 20.79 13.69 27.86
CA ASN A 1293 19.42 13.18 27.87
C ASN A 1293 18.56 13.85 26.81
N VAL A 1294 19.12 13.97 25.60
CA VAL A 1294 18.42 14.62 24.49
C VAL A 1294 18.42 13.68 23.30
N GLN A 1295 17.25 13.45 22.72
CA GLN A 1295 17.13 12.75 21.45
C GLN A 1295 16.03 13.41 20.65
N MET A 1296 16.35 13.79 19.41
CA MET A 1296 15.46 14.55 18.57
C MET A 1296 14.82 13.63 17.53
N VAL A 1297 13.52 13.76 17.35
CA VAL A 1297 12.78 12.90 16.43
C VAL A 1297 12.92 13.45 15.02
N CYS A 1298 13.34 12.58 14.10
CA CYS A 1298 13.44 12.93 12.69
C CYS A 1298 12.18 12.46 11.97
N PHE A 1299 11.58 13.34 11.19
CA PHE A 1299 10.30 13.05 10.57
C PHE A 1299 10.30 13.45 9.10
N HIS A 1300 9.56 12.69 8.31
CA HIS A 1300 9.32 12.96 6.90
C HIS A 1300 8.09 12.17 6.48
N LEU A 1301 7.57 12.49 5.30
CA LEU A 1301 6.43 11.76 4.76
C LEU A 1301 6.78 10.28 4.59
N SER A 1302 8.00 10.00 4.13
CA SER A 1302 8.39 8.62 3.85
C SER A 1302 8.62 7.82 5.13
N SER A 1303 8.57 8.46 6.29
CA SER A 1303 8.84 7.75 7.54
C SER A 1303 7.81 6.66 7.80
N ILE A 1304 6.54 6.94 7.46
CA ILE A 1304 5.49 5.94 7.65
C ILE A 1304 5.77 4.70 6.81
N PHE A 1305 6.12 4.91 5.55
CA PHE A 1305 6.38 3.79 4.66
C PHE A 1305 7.64 3.04 5.08
N ASN A 1306 8.65 3.76 5.56
CA ASN A 1306 9.84 3.10 6.07
C ASN A 1306 9.51 2.22 7.28
N GLU A 1307 8.67 2.73 8.18
CA GLU A 1307 8.25 1.93 9.33
C GLU A 1307 7.51 0.68 8.89
N THR A 1308 6.61 0.83 7.90
CA THR A 1308 5.88 -0.33 7.41
C THR A 1308 6.83 -1.36 6.79
N ASP A 1309 7.80 -0.88 5.99
CA ASP A 1309 8.75 -1.80 5.38
C ASP A 1309 9.63 -2.48 6.42
N GLU A 1310 9.90 -1.81 7.54
CA GLU A 1310 10.68 -2.44 8.60
C GLU A 1310 9.85 -3.46 9.38
N SER A 1311 8.54 -3.24 9.51
CA SER A 1311 7.71 -4.16 10.27
C SER A 1311 7.22 -5.35 9.45
N ILE A 1312 7.21 -5.21 8.12
CA ILE A 1312 6.60 -6.24 7.27
C ILE A 1312 7.35 -7.55 7.40
N ILE A 1313 8.66 -7.51 7.62
CA ILE A 1313 9.43 -8.75 7.72
C ILE A 1313 8.97 -9.56 8.92
N GLU A 1314 8.84 -8.92 10.09
CA GLU A 1314 8.40 -9.64 11.28
C GLU A 1314 6.96 -10.11 11.12
N VAL A 1315 6.10 -9.24 10.58
CA VAL A 1315 4.68 -9.61 10.40
C VAL A 1315 4.57 -10.85 9.53
N THR A 1316 5.32 -10.87 8.41
CA THR A 1316 5.27 -11.98 7.50
C THR A 1316 5.88 -13.25 8.11
N LEU A 1317 6.99 -13.10 8.84
CA LEU A 1317 7.61 -14.26 9.45
C LEU A 1317 6.71 -14.89 10.50
N ILE A 1318 5.82 -14.11 11.12
CA ILE A 1318 4.86 -14.70 12.05
C ILE A 1318 3.70 -15.32 11.29
N ASN A 1319 3.14 -14.60 10.32
CA ASN A 1319 1.97 -15.07 9.60
C ASN A 1319 2.28 -16.35 8.82
N LEU A 1320 3.47 -16.42 8.22
CA LEU A 1320 3.84 -17.59 7.44
C LEU A 1320 3.90 -18.83 8.32
N GLY A 1321 4.49 -18.71 9.50
CA GLY A 1321 4.56 -19.82 10.43
C GLY A 1321 3.18 -20.25 10.88
N ILE A 1322 2.33 -19.29 11.22
CA ILE A 1322 0.98 -19.62 11.65
C ILE A 1322 0.20 -20.31 10.54
N THR A 1323 0.35 -19.83 9.29
CA THR A 1323 -0.34 -20.45 8.17
C THR A 1323 0.18 -21.87 7.92
N ILE A 1324 1.50 -22.05 7.98
CA ILE A 1324 2.08 -23.35 7.69
C ILE A 1324 1.63 -24.38 8.72
N LEU A 1325 1.65 -23.99 10.00
CA LEU A 1325 1.25 -24.92 11.05
C LEU A 1325 -0.21 -25.36 10.86
N THR A 1326 -1.09 -24.39 10.62
CA THR A 1326 -2.50 -24.70 10.48
C THR A 1326 -2.75 -25.56 9.26
N ILE A 1327 -2.12 -25.23 8.14
CA ILE A 1327 -2.32 -26.01 6.92
C ILE A 1327 -1.80 -27.42 7.09
N LEU A 1328 -0.65 -27.58 7.74
CA LEU A 1328 -0.11 -28.91 7.97
C LEU A 1328 -1.04 -29.73 8.86
N VAL A 1329 -1.60 -29.11 9.90
CA VAL A 1329 -2.55 -29.84 10.75
C VAL A 1329 -3.77 -30.27 9.94
N VAL A 1330 -4.31 -29.35 9.14
CA VAL A 1330 -5.52 -29.65 8.36
C VAL A 1330 -5.25 -30.78 7.39
N THR A 1331 -4.12 -30.72 6.67
CA THR A 1331 -3.84 -31.74 5.67
C THR A 1331 -3.50 -33.07 6.32
N ALA A 1332 -2.85 -33.06 7.48
CA ALA A 1332 -2.59 -34.29 8.20
C ALA A 1332 -3.88 -34.93 8.69
N TYR A 1333 -4.91 -34.13 8.95
CA TYR A 1333 -6.21 -34.68 9.30
C TYR A 1333 -6.87 -35.43 8.15
N ILE A 1334 -6.44 -35.22 6.91
CA ILE A 1334 -7.15 -35.83 5.78
C ILE A 1334 -6.23 -36.73 4.97
N ILE A 1335 -4.93 -36.54 5.07
CA ILE A 1335 -3.97 -37.33 4.30
C ILE A 1335 -3.79 -38.68 4.98
N LYS A 1336 -3.93 -39.76 4.21
CA LYS A 1336 -3.71 -41.10 4.73
C LYS A 1336 -2.24 -41.32 5.03
N GLY A 1337 -1.96 -41.81 6.23
CA GLY A 1337 -0.59 -42.09 6.65
C GLY A 1337 0.09 -40.86 7.22
N PHE A 1338 1.25 -41.12 7.83
CA PHE A 1338 2.07 -40.06 8.42
C PHE A 1338 3.29 -39.71 7.58
N TYR A 1339 3.91 -40.70 6.93
CA TYR A 1339 5.07 -40.43 6.09
C TYR A 1339 4.70 -39.52 4.93
N SER A 1340 3.50 -39.71 4.38
CA SER A 1340 3.03 -38.83 3.31
C SER A 1340 2.94 -37.39 3.79
N CYS A 1341 2.53 -37.17 5.04
CA CYS A 1341 2.50 -35.82 5.59
C CYS A 1341 3.90 -35.22 5.65
N VAL A 1342 4.89 -36.03 6.02
CA VAL A 1342 6.27 -35.54 6.05
C VAL A 1342 6.73 -35.16 4.65
N ILE A 1343 6.40 -35.98 3.66
CA ILE A 1343 6.78 -35.66 2.28
C ILE A 1343 6.11 -34.36 1.84
N ILE A 1344 4.84 -34.19 2.17
CA ILE A 1344 4.13 -32.96 1.82
C ILE A 1344 4.79 -31.76 2.46
N ALA A 1345 5.15 -31.87 3.75
CA ALA A 1345 5.79 -30.75 4.43
C ALA A 1345 7.13 -30.42 3.81
N LEU A 1346 7.92 -31.43 3.46
CA LEU A 1346 9.21 -31.17 2.82
C LEU A 1346 9.02 -30.48 1.47
N ILE A 1347 8.04 -30.92 0.69
CA ILE A 1347 7.79 -30.29 -0.60
C ILE A 1347 7.36 -28.85 -0.42
N ILE A 1348 6.50 -28.59 0.58
CA ILE A 1348 6.04 -27.23 0.83
C ILE A 1348 7.21 -26.33 1.21
N PHE A 1349 8.09 -26.82 2.08
CA PHE A 1349 9.24 -26.03 2.49
C PHE A 1349 10.16 -25.74 1.31
N LEU A 1350 10.40 -26.75 0.46
CA LEU A 1350 11.24 -26.54 -0.71
C LEU A 1350 10.61 -25.54 -1.67
N ILE A 1351 9.29 -25.62 -1.87
CA ILE A 1351 8.60 -24.67 -2.74
C ILE A 1351 8.73 -23.26 -2.21
N ASP A 1352 8.53 -23.08 -0.91
CA ASP A 1352 8.67 -21.75 -0.32
C ASP A 1352 10.09 -21.22 -0.45
N LEU A 1353 11.08 -22.09 -0.22
CA LEU A 1353 12.47 -21.67 -0.37
C LEU A 1353 12.75 -21.22 -1.80
N CYS A 1354 12.30 -21.99 -2.78
CA CYS A 1354 12.52 -21.61 -4.17
C CYS A 1354 11.81 -20.32 -4.52
N ILE A 1355 10.58 -20.15 -4.04
CA ILE A 1355 9.83 -18.93 -4.34
C ILE A 1355 10.55 -17.72 -3.79
N PHE A 1356 10.98 -17.78 -2.53
CA PHE A 1356 11.68 -16.64 -1.94
C PHE A 1356 13.01 -16.39 -2.65
N GLY A 1357 13.76 -17.46 -2.93
CA GLY A 1357 15.04 -17.28 -3.59
C GLY A 1357 14.92 -16.65 -4.95
N PHE A 1358 13.92 -17.06 -5.73
CA PHE A 1358 13.77 -16.50 -7.07
C PHE A 1358 13.14 -15.12 -7.04
N MET A 1359 12.28 -14.82 -6.06
CA MET A 1359 11.77 -13.45 -5.95
C MET A 1359 12.89 -12.50 -5.57
N CYS A 1360 13.83 -12.95 -4.75
CA CYS A 1360 15.00 -12.12 -4.47
C CYS A 1360 15.93 -12.04 -5.67
N LEU A 1361 16.02 -13.13 -6.44
CA LEU A 1361 16.91 -13.17 -7.59
C LEU A 1361 16.37 -12.31 -8.74
N CYS A 1362 15.06 -12.26 -8.90
CA CYS A 1362 14.44 -11.49 -9.97
C CYS A 1362 14.31 -10.01 -9.64
N GLY A 1363 14.87 -9.56 -8.52
CA GLY A 1363 14.82 -8.16 -8.16
C GLY A 1363 13.62 -7.74 -7.34
N ILE A 1364 12.69 -8.64 -7.07
CA ILE A 1364 11.54 -8.29 -6.24
C ILE A 1364 12.00 -8.17 -4.79
N THR A 1365 11.63 -7.07 -4.16
CA THR A 1365 12.05 -6.81 -2.79
C THR A 1365 11.03 -7.39 -1.81
N MET A 1366 11.43 -7.47 -0.54
CA MET A 1366 10.55 -7.99 0.51
C MET A 1366 9.62 -6.86 0.94
N ASN A 1367 8.52 -6.70 0.21
CA ASN A 1367 7.55 -5.65 0.51
C ASN A 1367 6.21 -6.28 0.87
N ILE A 1368 5.18 -5.45 1.03
CA ILE A 1368 3.88 -5.95 1.49
C ILE A 1368 3.32 -6.97 0.52
N ILE A 1369 3.33 -6.64 -0.78
CA ILE A 1369 2.70 -7.50 -1.77
C ILE A 1369 3.42 -8.86 -1.84
N SER A 1370 4.74 -8.82 -1.96
CA SER A 1370 5.51 -10.06 -2.09
C SER A 1370 5.38 -10.91 -0.84
N MET A 1371 5.39 -10.27 0.33
CA MET A 1371 5.28 -11.03 1.58
C MET A 1371 3.91 -11.68 1.72
N VAL A 1372 2.84 -10.95 1.36
CA VAL A 1372 1.51 -11.54 1.43
C VAL A 1372 1.39 -12.72 0.48
N ILE A 1373 1.92 -12.57 -0.74
CA ILE A 1373 1.85 -13.68 -1.69
C ILE A 1373 2.71 -14.84 -1.21
N LEU A 1374 3.82 -14.57 -0.56
CA LEU A 1374 4.63 -15.64 0.01
C LEU A 1374 3.86 -16.39 1.09
N VAL A 1375 3.10 -15.66 1.90
CA VAL A 1375 2.26 -16.31 2.90
C VAL A 1375 1.21 -17.19 2.23
N LEU A 1376 0.56 -16.68 1.19
CA LEU A 1376 -0.50 -17.44 0.52
C LEU A 1376 0.05 -18.57 -0.35
N SER A 1377 1.36 -18.57 -0.63
CA SER A 1377 1.94 -19.60 -1.48
C SER A 1377 1.77 -20.98 -0.87
N VAL A 1378 1.79 -21.07 0.46
CA VAL A 1378 1.59 -22.36 1.11
C VAL A 1378 0.20 -22.90 0.78
N GLY A 1379 -0.82 -22.06 0.95
CA GLY A 1379 -2.18 -22.48 0.64
C GLY A 1379 -2.37 -22.80 -0.83
N PHE A 1380 -1.65 -22.11 -1.71
CA PHE A 1380 -1.80 -22.40 -3.14
C PHE A 1380 -1.12 -23.72 -3.51
N SER A 1381 0.10 -23.95 -3.03
CA SER A 1381 0.87 -25.11 -3.45
C SER A 1381 0.43 -26.40 -2.74
N ILE A 1382 -0.14 -26.27 -1.53
CA ILE A 1382 -0.57 -27.45 -0.79
C ILE A 1382 -1.63 -28.21 -1.57
N ASP A 1383 -2.43 -27.51 -2.38
CA ASP A 1383 -3.47 -28.19 -3.14
C ASP A 1383 -2.86 -29.21 -4.12
N HIS A 1384 -1.93 -28.76 -4.95
CA HIS A 1384 -1.31 -29.67 -5.91
C HIS A 1384 -0.50 -30.75 -5.21
N THR A 1385 0.28 -30.37 -4.19
CA THR A 1385 1.09 -31.36 -3.50
C THR A 1385 0.22 -32.43 -2.85
N SER A 1386 -0.86 -32.02 -2.19
CA SER A 1386 -1.76 -32.97 -1.56
C SER A 1386 -2.46 -33.84 -2.59
N HIS A 1387 -2.87 -33.26 -3.73
CA HIS A 1387 -3.48 -34.06 -4.77
C HIS A 1387 -2.56 -35.20 -5.19
N ILE A 1388 -1.31 -34.86 -5.53
CA ILE A 1388 -0.39 -35.88 -6.01
C ILE A 1388 -0.09 -36.91 -4.92
N VAL A 1389 0.15 -36.44 -3.69
CA VAL A 1389 0.53 -37.34 -2.62
C VAL A 1389 -0.62 -38.29 -2.27
N GLN A 1390 -1.85 -37.77 -2.19
CA GLN A 1390 -2.98 -38.62 -1.87
C GLN A 1390 -3.26 -39.61 -3.00
N ALA A 1391 -3.10 -39.18 -4.25
CA ALA A 1391 -3.25 -40.11 -5.37
C ALA A 1391 -2.22 -41.22 -5.28
N PHE A 1392 -0.99 -40.89 -4.90
CA PHE A 1392 0.03 -41.91 -4.73
C PHE A 1392 -0.32 -42.86 -3.59
N SER A 1393 -0.78 -42.32 -2.47
CA SER A 1393 -1.03 -43.15 -1.30
C SER A 1393 -2.21 -44.08 -1.51
N HIS A 1394 -3.29 -43.59 -2.12
CA HIS A 1394 -4.48 -44.40 -2.29
C HIS A 1394 -4.34 -45.47 -3.37
N SER A 1395 -3.31 -45.40 -4.21
CA SER A 1395 -3.16 -46.37 -5.29
C SER A 1395 -2.82 -47.75 -4.73
N MET A 1396 -3.06 -48.77 -5.55
CA MET A 1396 -2.83 -50.16 -5.18
C MET A 1396 -1.70 -50.80 -5.95
N GLY A 1397 -0.80 -50.00 -6.51
CA GLY A 1397 0.34 -50.56 -7.22
C GLY A 1397 1.27 -51.32 -6.30
N ARG A 1398 1.98 -52.29 -6.87
CA ARG A 1398 2.88 -53.12 -6.08
C ARG A 1398 4.18 -52.38 -5.77
N THR A 1399 4.93 -52.03 -6.81
CA THR A 1399 6.15 -51.28 -6.64
C THR A 1399 5.84 -49.79 -6.52
N ARG A 1400 6.86 -49.01 -6.17
CA ARG A 1400 6.69 -47.56 -6.11
C ARG A 1400 6.40 -46.99 -7.49
N ASP A 1401 7.04 -47.55 -8.53
CA ASP A 1401 6.84 -47.04 -9.88
C ASP A 1401 5.40 -47.18 -10.33
N GLU A 1402 4.77 -48.33 -10.04
CA GLU A 1402 3.38 -48.52 -10.43
C GLU A 1402 2.47 -47.53 -9.71
N LYS A 1403 2.71 -47.30 -8.42
CA LYS A 1403 1.91 -46.33 -7.68
C LYS A 1403 2.09 -44.93 -8.25
N MET A 1404 3.32 -44.57 -8.62
CA MET A 1404 3.55 -43.27 -9.23
C MET A 1404 2.84 -43.15 -10.57
N LYS A 1405 2.87 -44.21 -11.38
CA LYS A 1405 2.16 -44.20 -12.65
C LYS A 1405 0.67 -43.99 -12.43
N GLU A 1406 0.08 -44.71 -11.48
CA GLU A 1406 -1.34 -44.56 -11.21
C GLU A 1406 -1.66 -43.16 -10.69
N SER A 1407 -0.83 -42.63 -9.79
CA SER A 1407 -1.09 -41.31 -9.25
C SER A 1407 -1.05 -40.25 -10.35
N LEU A 1408 -0.05 -40.32 -11.23
CA LEU A 1408 0.01 -39.36 -12.34
C LEU A 1408 -1.20 -39.52 -13.24
N HIS A 1409 -1.45 -40.75 -13.71
CA HIS A 1409 -2.55 -41.01 -14.63
C HIS A 1409 -3.89 -40.57 -14.05
N LEU A 1410 -4.02 -40.55 -12.73
CA LEU A 1410 -5.28 -40.14 -12.14
C LEU A 1410 -5.35 -38.62 -11.96
N MET A 1411 -4.33 -38.02 -11.32
CA MET A 1411 -4.45 -36.65 -10.85
C MET A 1411 -3.36 -35.72 -11.41
N ILE A 1412 -2.88 -35.95 -12.62
CA ILE A 1412 -1.98 -34.96 -13.21
C ILE A 1412 -2.72 -33.98 -14.09
N GLY A 1413 -3.91 -34.34 -14.57
CA GLY A 1413 -4.74 -33.43 -15.31
C GLY A 1413 -5.22 -32.27 -14.45
N PRO A 1414 -5.93 -32.56 -13.37
CA PRO A 1414 -6.40 -31.49 -12.48
C PRO A 1414 -5.27 -30.64 -11.93
N VAL A 1415 -4.13 -31.24 -11.60
CA VAL A 1415 -3.03 -30.46 -11.02
C VAL A 1415 -2.52 -29.44 -12.02
N LEU A 1416 -2.30 -29.85 -13.26
CA LEU A 1416 -1.85 -28.92 -14.28
C LEU A 1416 -2.92 -27.88 -14.58
N HIS A 1417 -4.18 -28.29 -14.66
CA HIS A 1417 -5.25 -27.37 -15.02
C HIS A 1417 -5.46 -26.31 -13.93
N SER A 1418 -5.42 -26.71 -12.67
CA SER A 1418 -5.67 -25.77 -11.59
C SER A 1418 -4.59 -24.71 -11.46
N GLY A 1419 -3.41 -24.93 -12.04
CA GLY A 1419 -2.35 -23.94 -12.01
C GLY A 1419 -2.34 -23.13 -13.29
N LEU A 1420 -2.53 -23.80 -14.42
CA LEU A 1420 -2.55 -23.08 -15.69
C LEU A 1420 -3.74 -22.14 -15.76
N SER A 1421 -4.88 -22.54 -15.22
CA SER A 1421 -6.04 -21.65 -15.19
C SER A 1421 -5.76 -20.39 -14.39
N THR A 1422 -5.19 -20.55 -13.19
CA THR A 1422 -4.88 -19.40 -12.35
C THR A 1422 -3.88 -18.49 -13.03
N TRP A 1423 -2.84 -19.08 -13.63
CA TRP A 1423 -1.85 -18.25 -14.29
C TRP A 1423 -2.43 -17.54 -15.52
N PHE A 1424 -3.32 -18.21 -16.25
CA PHE A 1424 -3.92 -17.57 -17.41
C PHE A 1424 -4.81 -16.40 -17.00
N VAL A 1425 -5.54 -16.54 -15.89
CA VAL A 1425 -6.33 -15.41 -15.43
C VAL A 1425 -5.43 -14.28 -14.93
N ILE A 1426 -4.33 -14.62 -14.24
CA ILE A 1426 -3.44 -13.61 -13.67
C ILE A 1426 -2.61 -12.88 -14.71
N SER A 1427 -2.21 -13.55 -15.80
CA SER A 1427 -1.18 -13.01 -16.68
C SER A 1427 -1.56 -11.66 -17.26
N THR A 1428 -2.85 -11.35 -17.36
CA THR A 1428 -3.25 -10.05 -17.88
C THR A 1428 -2.79 -8.91 -16.98
N LEU A 1429 -2.49 -9.19 -15.71
CA LEU A 1429 -1.99 -8.16 -14.81
C LEU A 1429 -0.57 -7.70 -15.16
N PHE A 1430 0.12 -8.41 -16.06
CA PHE A 1430 1.46 -8.00 -16.43
C PHE A 1430 1.47 -6.62 -17.08
N PHE A 1431 0.37 -6.22 -17.69
CA PHE A 1431 0.26 -4.93 -18.36
C PHE A 1431 -0.41 -3.86 -17.50
N SER A 1432 -0.67 -4.16 -16.22
CA SER A 1432 -1.32 -3.19 -15.36
C SER A 1432 -0.41 -2.00 -15.12
N ASN A 1433 -1.00 -0.80 -15.16
CA ASN A 1433 -0.24 0.43 -15.03
C ASN A 1433 0.24 0.68 -13.60
N LYS A 1434 -0.23 -0.08 -12.63
CA LYS A 1434 0.17 0.08 -11.24
C LYS A 1434 1.23 -0.95 -10.89
N ASP A 1435 2.38 -0.47 -10.40
CA ASP A 1435 3.52 -1.35 -10.20
C ASP A 1435 3.28 -2.37 -9.09
N PHE A 1436 2.43 -2.03 -8.11
CA PHE A 1436 2.09 -3.02 -7.08
C PHE A 1436 1.40 -4.22 -7.71
N THR A 1437 0.49 -3.98 -8.65
CA THR A 1437 -0.17 -5.09 -9.33
C THR A 1437 0.83 -5.91 -10.15
N VAL A 1438 1.82 -5.24 -10.74
CA VAL A 1438 2.84 -5.97 -11.49
C VAL A 1438 3.65 -6.87 -10.57
N ILE A 1439 4.03 -6.36 -9.39
CA ILE A 1439 4.75 -7.17 -8.43
C ILE A 1439 3.88 -8.34 -7.97
N PHE A 1440 2.58 -8.09 -7.76
CA PHE A 1440 1.66 -9.16 -7.41
C PHE A 1440 1.66 -10.24 -8.49
N PHE A 1441 1.57 -9.84 -9.75
CA PHE A 1441 1.56 -10.81 -10.84
C PHE A 1441 2.86 -11.60 -10.88
N GLN A 1442 3.99 -10.92 -10.73
CA GLN A 1442 5.28 -11.61 -10.82
C GLN A 1442 5.44 -12.63 -9.71
N THR A 1443 5.12 -12.22 -8.47
CA THR A 1443 5.26 -13.15 -7.35
C THR A 1443 4.29 -14.31 -7.47
N LEU A 1444 3.06 -14.04 -7.89
CA LEU A 1444 2.08 -15.12 -8.02
C LEU A 1444 2.48 -16.07 -9.14
N SER A 1445 3.04 -15.55 -10.23
CA SER A 1445 3.52 -16.41 -11.30
C SER A 1445 4.66 -17.29 -10.82
N LEU A 1446 5.57 -16.74 -10.03
CA LEU A 1446 6.62 -17.58 -9.45
C LEU A 1446 6.03 -18.66 -8.57
N VAL A 1447 5.05 -18.31 -7.74
CA VAL A 1447 4.41 -19.29 -6.86
C VAL A 1447 3.79 -20.41 -7.68
N LEU A 1448 3.01 -20.05 -8.69
CA LEU A 1448 2.32 -21.07 -9.49
C LEU A 1448 3.32 -21.93 -10.25
N PHE A 1449 4.35 -21.32 -10.84
CA PHE A 1449 5.33 -22.09 -11.60
C PHE A 1449 6.04 -23.09 -10.72
N PHE A 1450 6.48 -22.66 -9.53
CA PHE A 1450 7.21 -23.58 -8.67
C PHE A 1450 6.30 -24.65 -8.09
N SER A 1451 5.06 -24.28 -7.76
CA SER A 1451 4.12 -25.28 -7.28
C SER A 1451 3.87 -26.36 -8.34
N ILE A 1452 3.63 -25.93 -9.58
CA ILE A 1452 3.36 -26.89 -10.64
C ILE A 1452 4.58 -27.77 -10.90
N THR A 1453 5.77 -27.16 -10.98
CA THR A 1453 6.96 -27.95 -11.27
C THR A 1453 7.27 -28.94 -10.16
N PHE A 1454 7.15 -28.51 -8.90
CA PHE A 1454 7.45 -29.39 -7.78
C PHE A 1454 6.35 -30.41 -7.51
N SER A 1455 5.15 -30.20 -8.03
CA SER A 1455 4.08 -31.17 -7.83
C SER A 1455 3.94 -32.15 -9.00
N SER A 1456 4.38 -31.77 -10.20
CA SER A 1456 4.22 -32.63 -11.36
C SER A 1456 5.52 -33.27 -11.84
N MET A 1457 6.67 -32.73 -11.45
CA MET A 1457 7.95 -33.27 -11.89
C MET A 1457 8.80 -33.78 -10.73
N PHE A 1458 9.05 -32.94 -9.72
CA PHE A 1458 9.92 -33.37 -8.63
C PHE A 1458 9.23 -34.34 -7.69
N LEU A 1459 7.98 -34.06 -7.34
CA LEU A 1459 7.26 -34.94 -6.41
C LEU A 1459 7.07 -36.35 -6.94
N PRO A 1460 6.66 -36.58 -8.20
CA PRO A 1460 6.54 -37.97 -8.65
C PRO A 1460 7.87 -38.73 -8.62
N VAL A 1461 8.98 -38.08 -8.96
CA VAL A 1461 10.26 -38.75 -8.89
C VAL A 1461 10.63 -39.06 -7.45
N LEU A 1462 10.39 -38.10 -6.55
CA LEU A 1462 10.69 -38.34 -5.14
C LEU A 1462 9.86 -39.48 -4.58
N LEU A 1463 8.59 -39.56 -4.98
CA LEU A 1463 7.73 -40.66 -4.51
C LEU A 1463 8.17 -41.98 -5.12
N SER A 1464 8.61 -41.98 -6.37
CA SER A 1464 9.11 -43.21 -6.98
C SER A 1464 10.36 -43.69 -6.26
N SER A 1465 11.20 -42.76 -5.80
CA SER A 1465 12.46 -43.15 -5.17
C SER A 1465 12.25 -43.58 -3.72
N PHE A 1466 11.59 -42.75 -2.92
CA PHE A 1466 11.47 -42.98 -1.48
C PHE A 1466 10.04 -42.96 -0.97
N GLY A 1467 9.04 -43.16 -1.83
CA GLY A 1467 7.66 -43.12 -1.41
C GLY A 1467 7.28 -44.28 -0.52
N PRO A 1468 6.24 -44.10 0.29
CA PRO A 1468 5.77 -45.18 1.15
C PRO A 1468 5.16 -46.31 0.33
N LEU A 1469 5.24 -47.52 0.89
CA LEU A 1469 4.68 -48.71 0.25
C LEU A 1469 3.52 -49.33 1.01
N HIS A 1470 3.45 -49.16 2.32
CA HIS A 1470 2.36 -49.72 3.11
C HIS A 1470 2.05 -48.83 4.31
#